data_8GMH
#
_entry.id   8GMH
#
_cell.length_a   51.925
_cell.length_b   61.419
_cell.length_c   97.916
_cell.angle_alpha   77.680
_cell.angle_beta   77.140
_cell.angle_gamma   65.060
#
_symmetry.space_group_name_H-M   'P 1'
#
loop_
_entity.id
_entity.type
_entity.pdbx_description
1 polymer 'LXG domain-containing protein'
2 polymer LapA4
3 polymer LapA3
4 non-polymer 1,2-ETHANEDIOL
5 water water
#
loop_
_entity_poly.entity_id
_entity_poly.type
_entity_poly.pdbx_seq_one_letter_code
_entity_poly.pdbx_strand_id
1 'polypeptide(L)'
;(MSE)GSSHHHHHHSQDP(MSE)KID(MSE)TEVNNQKTALANSISNLNGQIDTAKNSLTNLTSSSSLTGDVKTAIDAKI
NNYQVPLLTNFTNALTTLSAQYDKTIEQFQSTVSENAADAVIDTDYLQGLLDNYSGIETSISTINTETSTIYSSISDIIS
LTNPDSSTITTPLAAAKTILTDTKTN(MSE)ESFNGWTRGTELADLLLSQTQTIETLIGYASSGYTAADAKSFYNNNEFL
QGVNKIAEAIANST
;
B,A
2 'polypeptide(L)'
;(MSE)SETSASYYQDLANKESANYNNAISQKAAIDAQISRLETAKTNLSTQINNFQTDIVDK(MSE)SDIEGEDSSQFKG
DRKTKYAEQYTSTKSAATTNKTSHDTNLTSITNKITELQTQSTSLQSAADTAYSN(MSE)LSYQASANAANTE
;
C,E
3 'polypeptide(L)'
;(MSE)TKTGTDYSAWSELTSSVNTSVSGIVDLASLTFTTTT(MSE)TPFTSFNEDISSFNTAVAKLQSFTSTDVTH
(MSE)NQAAENKVTDDSNQAQAQG
;
D,F
#
# COMPACT_ATOMS: atom_id res chain seq x y z
N LYS A 16 -13.42 -1.69 -16.21
CA LYS A 16 -14.71 -2.23 -15.82
C LYS A 16 -15.64 -2.24 -17.03
N ILE A 17 -16.55 -3.22 -17.05
CA ILE A 17 -17.54 -3.33 -18.11
C ILE A 17 -18.87 -3.74 -17.51
N ASP A 18 -19.95 -3.14 -18.01
CA ASP A 18 -21.31 -3.46 -17.59
C ASP A 18 -22.15 -3.69 -18.84
N THR A 20 -25.17 -4.34 -19.18
CA THR A 20 -26.43 -3.61 -19.13
C THR A 20 -26.28 -2.24 -19.80
N GLU A 21 -25.23 -1.51 -19.44
CA GLU A 21 -24.98 -0.20 -20.05
C GLU A 21 -24.62 -0.34 -21.52
N VAL A 22 -23.91 -1.42 -21.88
CA VAL A 22 -23.49 -1.61 -23.26
C VAL A 22 -24.71 -1.86 -24.16
N ASN A 23 -25.63 -2.72 -23.71
CA ASN A 23 -26.83 -3.00 -24.49
C ASN A 23 -27.75 -1.79 -24.56
N ASN A 24 -27.77 -0.97 -23.49
CA ASN A 24 -28.54 0.27 -23.54
C ASN A 24 -27.96 1.24 -24.56
N GLN A 25 -26.63 1.27 -24.69
CA GLN A 25 -26.02 2.11 -25.71
C GLN A 25 -26.23 1.54 -27.10
N LYS A 26 -26.38 0.22 -27.22
CA LYS A 26 -26.69 -0.37 -28.51
C LYS A 26 -28.08 0.04 -28.98
N THR A 27 -29.04 0.14 -28.06
CA THR A 27 -30.37 0.59 -28.42
C THR A 27 -30.37 2.08 -28.74
N ALA A 28 -29.66 2.88 -27.93
CA ALA A 28 -29.57 4.31 -28.20
C ALA A 28 -28.86 4.58 -29.52
N LEU A 29 -27.88 3.75 -29.88
CA LEU A 29 -27.20 3.91 -31.16
C LEU A 29 -28.14 3.59 -32.32
N ALA A 30 -28.96 2.55 -32.17
CA ALA A 30 -29.90 2.19 -33.24
C ALA A 30 -30.95 3.27 -33.43
N ASN A 31 -31.36 3.93 -32.35
CA ASN A 31 -32.35 5.00 -32.47
C ASN A 31 -31.78 6.21 -33.19
N SER A 32 -30.54 6.58 -32.87
CA SER A 32 -29.90 7.71 -33.54
C SER A 32 -29.61 7.39 -35.01
N ILE A 33 -29.26 6.14 -35.31
CA ILE A 33 -29.06 5.74 -36.69
C ILE A 33 -30.37 5.81 -37.46
N SER A 34 -31.48 5.43 -36.82
CA SER A 34 -32.78 5.52 -37.49
C SER A 34 -33.16 6.95 -37.79
N ASN A 35 -32.85 7.88 -36.87
CA ASN A 35 -33.15 9.28 -37.11
C ASN A 35 -32.28 9.86 -38.21
N LEU A 36 -30.99 9.51 -38.22
CA LEU A 36 -30.09 10.04 -39.24
C LEU A 36 -30.43 9.48 -40.63
N ASN A 37 -30.82 8.22 -40.69
CA ASN A 37 -31.20 7.64 -41.98
C ASN A 37 -32.45 8.31 -42.55
N GLY A 38 -33.37 8.74 -41.69
CA GLY A 38 -34.54 9.45 -42.17
C GLY A 38 -34.20 10.83 -42.67
N GLN A 39 -33.29 11.53 -41.99
CA GLN A 39 -32.87 12.85 -42.45
C GLN A 39 -32.00 12.77 -43.69
N ILE A 40 -31.22 11.69 -43.82
CA ILE A 40 -30.41 11.51 -45.03
C ILE A 40 -31.32 11.23 -46.22
N ASP A 41 -32.38 10.44 -46.02
CA ASP A 41 -33.31 10.16 -47.10
C ASP A 41 -34.02 11.43 -47.56
N THR A 42 -34.33 12.33 -46.61
CA THR A 42 -34.92 13.61 -46.99
C THR A 42 -33.94 14.43 -47.83
N ALA A 43 -32.66 14.40 -47.48
CA ALA A 43 -31.66 15.12 -48.26
C ALA A 43 -31.46 14.46 -49.63
N LYS A 44 -31.66 13.15 -49.71
CA LYS A 44 -31.57 12.49 -51.02
C LYS A 44 -32.73 12.89 -51.92
N ASN A 45 -33.93 13.01 -51.36
CA ASN A 45 -35.08 13.40 -52.17
C ASN A 45 -34.95 14.84 -52.66
N SER A 46 -34.41 15.72 -51.83
CA SER A 46 -34.24 17.12 -52.25
C SER A 46 -33.25 17.23 -53.40
N LEU A 47 -32.18 16.43 -53.37
CA LEU A 47 -31.24 16.42 -54.47
C LEU A 47 -31.82 15.75 -55.70
N THR A 48 -32.68 14.74 -55.50
CA THR A 48 -33.34 14.09 -56.63
C THR A 48 -34.27 15.05 -57.35
N ASN A 49 -34.92 15.95 -56.61
CA ASN A 49 -35.84 16.89 -57.22
C ASN A 49 -35.14 17.85 -58.16
N LEU A 50 -33.84 18.10 -57.95
CA LEU A 50 -33.09 18.95 -58.86
C LEU A 50 -32.88 18.25 -60.21
N THR A 51 -32.58 16.96 -60.20
CA THR A 51 -32.28 16.25 -61.44
C THR A 51 -33.54 16.07 -62.29
N SER A 52 -34.71 15.95 -61.66
CA SER A 52 -35.96 15.76 -62.36
C SER A 52 -36.63 17.07 -62.76
N SER A 53 -36.05 18.21 -62.39
CA SER A 53 -36.66 19.51 -62.64
C SER A 53 -36.30 20.03 -64.02
N SER A 54 -37.25 20.70 -64.67
CA SER A 54 -37.03 21.35 -65.94
C SER A 54 -36.86 22.86 -65.79
N SER A 55 -36.76 23.36 -64.56
CA SER A 55 -36.57 24.78 -64.33
C SER A 55 -35.21 25.28 -64.82
N LEU A 56 -34.27 24.38 -65.08
CA LEU A 56 -32.98 24.75 -65.66
C LEU A 56 -32.67 23.79 -66.80
N THR A 57 -32.13 24.32 -67.89
CA THR A 57 -31.83 23.55 -69.08
C THR A 57 -30.45 23.92 -69.60
N GLY A 58 -29.96 23.14 -70.56
CA GLY A 58 -28.69 23.41 -71.21
C GLY A 58 -27.59 22.50 -70.71
N ASP A 59 -26.38 22.75 -71.23
CA ASP A 59 -25.22 21.96 -70.85
C ASP A 59 -24.87 22.13 -69.38
N VAL A 60 -25.18 23.29 -68.80
CA VAL A 60 -24.91 23.50 -67.38
C VAL A 60 -25.83 22.65 -66.53
N LYS A 61 -27.04 22.36 -67.02
CA LYS A 61 -27.92 21.45 -66.32
C LYS A 61 -27.46 20.00 -66.48
N THR A 62 -26.89 19.67 -67.64
CA THR A 62 -26.34 18.33 -67.83
C THR A 62 -25.16 18.08 -66.89
N ALA A 63 -24.33 19.10 -66.65
CA ALA A 63 -23.21 18.95 -65.74
C ALA A 63 -23.69 18.86 -64.30
N ILE A 64 -24.70 19.66 -63.93
CA ILE A 64 -25.22 19.62 -62.56
C ILE A 64 -25.90 18.28 -62.29
N ASP A 65 -26.65 17.77 -63.27
CA ASP A 65 -27.27 16.46 -63.09
C ASP A 65 -26.23 15.36 -62.95
N ALA A 66 -25.13 15.46 -63.72
CA ALA A 66 -24.06 14.48 -63.58
C ALA A 66 -23.37 14.61 -62.23
N LYS A 67 -23.21 15.84 -61.73
CA LYS A 67 -22.60 16.05 -60.42
C LYS A 67 -23.44 15.44 -59.32
N ILE A 68 -24.77 15.64 -59.38
CA ILE A 68 -25.64 15.17 -58.31
C ILE A 68 -25.76 13.65 -58.33
N ASN A 69 -25.93 13.07 -59.52
CA ASN A 69 -26.16 11.63 -59.62
C ASN A 69 -24.89 10.81 -59.41
N ASN A 70 -23.71 11.43 -59.56
CA ASN A 70 -22.46 10.69 -59.44
C ASN A 70 -21.68 10.98 -58.16
N TYR A 71 -22.12 11.95 -57.35
CA TYR A 71 -21.36 12.29 -56.15
C TYR A 71 -22.26 12.66 -54.98
N GLN A 72 -23.15 13.63 -55.16
CA GLN A 72 -23.92 14.15 -54.04
C GLN A 72 -24.85 13.09 -53.46
N VAL A 73 -25.57 12.38 -54.31
CA VAL A 73 -26.45 11.30 -53.86
C VAL A 73 -25.61 10.12 -53.36
N PRO A 74 -24.54 9.70 -54.07
CA PRO A 74 -23.68 8.65 -53.50
C PRO A 74 -23.05 9.03 -52.17
N LEU A 75 -22.72 10.31 -51.96
CA LEU A 75 -22.17 10.73 -50.68
C LEU A 75 -23.15 10.51 -49.55
N LEU A 76 -24.44 10.80 -49.80
CA LEU A 76 -25.46 10.53 -48.79
C LEU A 76 -25.67 9.03 -48.60
N THR A 77 -25.59 8.26 -49.70
CA THR A 77 -25.73 6.82 -49.59
C THR A 77 -24.60 6.22 -48.76
N ASN A 78 -23.37 6.69 -48.99
CA ASN A 78 -22.23 6.15 -48.27
C ASN A 78 -22.24 6.56 -46.79
N PHE A 79 -22.85 7.69 -46.46
CA PHE A 79 -23.00 8.05 -45.05
C PHE A 79 -23.98 7.11 -44.35
N THR A 80 -25.01 6.65 -45.06
CA THR A 80 -25.88 5.61 -44.51
C THR A 80 -25.13 4.29 -44.38
N ASN A 81 -24.27 3.98 -45.35
CA ASN A 81 -23.41 2.80 -45.24
C ASN A 81 -22.44 2.93 -44.09
N ALA A 82 -22.00 4.14 -43.78
CA ALA A 82 -21.11 4.34 -42.63
C ALA A 82 -21.83 4.08 -41.33
N LEU A 83 -23.11 4.48 -41.24
CA LEU A 83 -23.89 4.21 -40.04
C LEU A 83 -24.13 2.71 -39.88
N THR A 84 -24.41 2.01 -40.98
CA THR A 84 -24.57 0.56 -40.91
C THR A 84 -23.27 -0.12 -40.53
N THR A 85 -22.15 0.35 -41.08
CA THR A 85 -20.85 -0.21 -40.72
C THR A 85 -20.52 0.03 -39.25
N LEU A 86 -20.84 1.23 -38.74
CA LEU A 86 -20.59 1.52 -37.34
C LEU A 86 -21.47 0.65 -36.43
N SER A 87 -22.70 0.37 -36.87
CA SER A 87 -23.56 -0.53 -36.10
C SER A 87 -23.03 -1.95 -36.11
N ALA A 88 -22.53 -2.41 -37.26
CA ALA A 88 -21.99 -3.76 -37.35
C ALA A 88 -20.72 -3.90 -36.53
N GLN A 89 -19.90 -2.85 -36.48
CA GLN A 89 -18.68 -2.92 -35.67
C GLN A 89 -19.01 -2.92 -34.18
N TYR A 90 -20.09 -2.26 -33.78
CA TYR A 90 -20.48 -2.28 -32.37
C TYR A 90 -20.99 -3.66 -31.97
N ASP A 91 -21.72 -4.34 -32.86
CA ASP A 91 -22.16 -5.69 -32.58
C ASP A 91 -20.98 -6.65 -32.55
N LYS A 92 -20.02 -6.47 -33.47
CA LYS A 92 -18.84 -7.34 -33.48
C LYS A 92 -17.94 -7.10 -32.27
N THR A 93 -17.92 -5.88 -31.74
CA THR A 93 -17.18 -5.62 -30.51
C THR A 93 -17.81 -6.35 -29.33
N ILE A 94 -19.15 -6.43 -29.29
CA ILE A 94 -19.83 -7.22 -28.29
C ILE A 94 -19.52 -8.70 -28.48
N GLU A 95 -19.45 -9.15 -29.74
CA GLU A 95 -19.08 -10.54 -30.01
C GLU A 95 -17.64 -10.82 -29.58
N GLN A 96 -16.74 -9.85 -29.77
CA GLN A 96 -15.35 -10.04 -29.39
C GLN A 96 -15.21 -10.12 -27.87
N PHE A 97 -15.97 -9.32 -27.14
CA PHE A 97 -15.92 -9.38 -25.68
C PHE A 97 -16.46 -10.69 -25.16
N GLN A 98 -17.65 -11.10 -25.63
CA GLN A 98 -18.27 -12.33 -25.18
C GLN A 98 -17.52 -13.58 -25.64
N SER A 99 -16.53 -13.44 -26.52
CA SER A 99 -15.72 -14.57 -26.95
C SER A 99 -14.34 -14.62 -26.31
N THR A 100 -13.76 -13.46 -26.01
CA THR A 100 -12.44 -13.44 -25.38
C THR A 100 -12.52 -13.74 -23.89
N VAL A 101 -13.56 -13.24 -23.22
CA VAL A 101 -13.73 -13.46 -21.78
C VAL A 101 -14.59 -14.68 -21.46
N SER A 102 -15.37 -15.17 -22.43
CA SER A 102 -16.34 -16.25 -22.23
C SER A 102 -17.38 -15.82 -21.19
N GLU A 103 -18.16 -14.81 -21.59
CA GLU A 103 -19.13 -14.17 -20.70
C GLU A 103 -20.32 -13.72 -21.56
N ASN A 104 -21.32 -14.59 -21.65
CA ASN A 104 -22.49 -14.36 -22.50
C ASN A 104 -23.64 -13.71 -21.77
N ALA A 105 -23.43 -13.25 -20.53
CA ALA A 105 -24.51 -12.64 -19.77
C ALA A 105 -24.85 -11.27 -20.32
N ALA A 106 -26.15 -10.96 -20.34
CA ALA A 106 -26.62 -9.68 -20.87
C ALA A 106 -26.44 -8.54 -19.88
N ASP A 107 -26.23 -8.84 -18.60
CA ASP A 107 -26.04 -7.82 -17.58
C ASP A 107 -24.70 -8.00 -16.85
N ALA A 108 -23.73 -8.64 -17.48
CA ALA A 108 -22.50 -9.00 -16.78
C ALA A 108 -21.72 -7.77 -16.37
N VAL A 109 -21.16 -7.82 -15.15
CA VAL A 109 -20.34 -6.74 -14.61
C VAL A 109 -19.02 -7.36 -14.17
N ILE A 110 -17.92 -6.85 -14.71
CA ILE A 110 -16.58 -7.35 -14.37
C ILE A 110 -15.67 -6.15 -14.13
N ASP A 111 -15.06 -6.08 -12.95
CA ASP A 111 -14.08 -5.06 -12.63
C ASP A 111 -12.74 -5.72 -12.37
N THR A 112 -11.73 -5.35 -13.16
CA THR A 112 -10.40 -5.92 -13.00
C THR A 112 -9.80 -5.60 -11.64
N ASP A 113 -10.02 -4.37 -11.16
CA ASP A 113 -9.52 -4.00 -9.83
C ASP A 113 -10.23 -4.77 -8.73
N TYR A 114 -11.51 -5.08 -8.91
CA TYR A 114 -12.23 -5.83 -7.89
C TYR A 114 -11.77 -7.27 -7.84
N LEU A 115 -11.46 -7.85 -9.01
CA LEU A 115 -10.91 -9.20 -9.05
C LEU A 115 -9.53 -9.25 -8.40
N GLN A 116 -8.72 -8.22 -8.63
CA GLN A 116 -7.41 -8.15 -7.99
C GLN A 116 -7.53 -8.00 -6.48
N GLY A 117 -8.55 -7.29 -6.02
CA GLY A 117 -8.78 -7.19 -4.59
C GLY A 117 -9.11 -8.54 -3.95
N LEU A 118 -9.86 -9.37 -4.66
CA LEU A 118 -10.14 -10.72 -4.18
C LEU A 118 -8.88 -11.58 -4.23
N LEU A 119 -7.99 -11.34 -5.20
CA LEU A 119 -6.76 -12.10 -5.30
C LEU A 119 -5.75 -11.72 -4.24
N ASP A 120 -5.82 -10.50 -3.70
CA ASP A 120 -4.85 -10.04 -2.72
C ASP A 120 -5.04 -10.69 -1.35
N ASN A 121 -6.11 -11.45 -1.15
CA ASN A 121 -6.35 -12.14 0.11
C ASN A 121 -6.07 -13.62 0.05
N TYR A 122 -5.62 -14.14 -1.11
CA TYR A 122 -5.38 -15.58 -1.24
C TYR A 122 -4.14 -16.00 -0.47
N SER A 123 -3.09 -15.17 -0.48
CA SER A 123 -1.83 -15.56 0.13
C SER A 123 -1.97 -15.81 1.62
N GLY A 124 -2.80 -15.00 2.30
CA GLY A 124 -3.01 -15.21 3.73
C GLY A 124 -3.77 -16.48 4.02
N ILE A 125 -4.75 -16.81 3.18
CA ILE A 125 -5.52 -18.05 3.39
C ILE A 125 -4.67 -19.26 3.06
N GLU A 126 -3.88 -19.19 2.00
CA GLU A 126 -3.01 -20.31 1.63
C GLU A 126 -1.98 -20.59 2.72
N THR A 127 -1.44 -19.54 3.32
CA THR A 127 -0.45 -19.73 4.39
C THR A 127 -1.10 -20.32 5.64
N SER A 128 -2.30 -19.84 5.98
CA SER A 128 -2.99 -20.36 7.17
C SER A 128 -3.32 -21.84 7.01
N ILE A 129 -3.75 -22.24 5.81
CA ILE A 129 -4.08 -23.65 5.58
C ILE A 129 -2.84 -24.51 5.67
N SER A 130 -1.73 -24.04 5.11
CA SER A 130 -0.50 -24.84 5.11
C SER A 130 0.12 -24.92 6.50
N THR A 131 0.03 -23.84 7.27
CA THR A 131 0.61 -23.83 8.61
C THR A 131 -0.21 -24.68 9.58
N ILE A 132 -1.53 -24.49 9.57
CA ILE A 132 -2.38 -25.24 10.49
C ILE A 132 -2.36 -26.73 10.16
N ASN A 133 -2.27 -27.07 8.87
CA ASN A 133 -2.17 -28.48 8.49
C ASN A 133 -0.90 -29.11 9.03
N THR A 134 0.21 -28.37 9.01
CA THR A 134 1.46 -28.89 9.57
C THR A 134 1.36 -29.04 11.09
N GLU A 135 0.69 -28.10 11.77
CA GLU A 135 0.59 -28.16 13.22
C GLU A 135 -0.31 -29.31 13.67
N THR A 136 -1.50 -29.41 13.07
CA THR A 136 -2.42 -30.47 13.46
C THR A 136 -1.85 -31.85 13.16
N SER A 137 -1.13 -31.98 12.04
CA SER A 137 -0.49 -33.25 11.72
C SER A 137 0.58 -33.60 12.75
N THR A 138 1.19 -32.60 13.37
CA THR A 138 2.21 -32.86 14.37
C THR A 138 1.60 -33.35 15.68
N ILE A 139 0.49 -32.74 16.11
CA ILE A 139 -0.11 -33.14 17.37
C ILE A 139 -0.82 -34.49 17.22
N TYR A 140 -1.27 -34.82 16.01
CA TYR A 140 -1.91 -36.13 15.80
C TYR A 140 -0.87 -37.25 15.81
N SER A 141 0.32 -36.99 15.25
CA SER A 141 1.38 -37.98 15.25
C SER A 141 2.09 -38.10 16.59
N SER A 142 2.00 -37.06 17.43
CA SER A 142 2.68 -37.11 18.73
C SER A 142 1.97 -38.04 19.71
N ILE A 143 0.66 -38.20 19.56
CA ILE A 143 -0.12 -39.06 20.46
C ILE A 143 -0.69 -40.22 19.67
N SER A 144 -0.03 -40.60 18.58
CA SER A 144 -0.52 -41.69 17.76
C SER A 144 -0.47 -43.03 18.49
N ASP A 145 0.51 -43.20 19.38
CA ASP A 145 0.59 -44.42 20.17
C ASP A 145 -0.47 -44.48 21.28
N ILE A 146 -1.01 -43.33 21.67
CA ILE A 146 -2.09 -43.31 22.67
C ILE A 146 -3.43 -43.55 21.99
N ILE A 147 -3.71 -42.80 20.93
CA ILE A 147 -4.93 -42.96 20.13
C ILE A 147 -4.66 -42.46 18.72
N SER A 148 -4.89 -43.32 17.73
CA SER A 148 -4.61 -42.98 16.34
C SER A 148 -5.79 -42.21 15.76
N LEU A 149 -5.57 -40.94 15.45
CA LEU A 149 -6.58 -40.08 14.85
C LEU A 149 -6.07 -39.56 13.51
N THR A 150 -6.97 -39.48 12.54
CA THR A 150 -6.61 -39.10 11.18
C THR A 150 -6.70 -37.59 11.01
N ASN A 151 -5.63 -37.01 10.46
CA ASN A 151 -5.64 -35.59 10.10
C ASN A 151 -6.39 -35.42 8.78
N PRO A 152 -7.38 -34.51 8.72
CA PRO A 152 -8.13 -34.33 7.47
C PRO A 152 -7.23 -33.88 6.33
N ASP A 153 -7.64 -34.23 5.12
CA ASP A 153 -6.86 -33.93 3.91
C ASP A 153 -7.02 -32.46 3.58
N SER A 154 -5.91 -31.71 3.66
CA SER A 154 -5.95 -30.28 3.36
C SER A 154 -6.10 -30.02 1.86
N SER A 155 -5.74 -30.99 1.01
CA SER A 155 -5.89 -30.82 -0.43
C SER A 155 -7.35 -30.74 -0.87
N THR A 156 -8.30 -31.14 -0.01
CA THR A 156 -9.71 -30.96 -0.33
C THR A 156 -10.09 -29.48 -0.36
N ILE A 157 -9.33 -28.62 0.32
CA ILE A 157 -9.60 -27.18 0.30
C ILE A 157 -8.78 -26.49 -0.77
N THR A 158 -7.50 -26.85 -0.92
CA THR A 158 -6.61 -26.15 -1.83
C THR A 158 -6.88 -26.46 -3.29
N THR A 159 -7.48 -27.62 -3.59
CA THR A 159 -7.78 -27.93 -4.99
C THR A 159 -8.85 -27.02 -5.57
N PRO A 160 -10.01 -26.81 -4.92
CA PRO A 160 -10.94 -25.80 -5.46
C PRO A 160 -10.48 -24.38 -5.21
N LEU A 161 -9.66 -24.15 -4.18
CA LEU A 161 -9.11 -22.82 -3.94
C LEU A 161 -8.23 -22.37 -5.10
N ALA A 162 -7.38 -23.27 -5.61
CA ALA A 162 -6.54 -22.93 -6.74
C ALA A 162 -7.36 -22.82 -8.02
N ALA A 163 -8.39 -23.66 -8.16
CA ALA A 163 -9.26 -23.59 -9.34
C ALA A 163 -10.06 -22.30 -9.34
N ALA A 164 -10.52 -21.86 -8.16
CA ALA A 164 -11.20 -20.56 -8.08
C ALA A 164 -10.24 -19.42 -8.38
N LYS A 165 -8.97 -19.56 -7.97
CA LYS A 165 -7.99 -18.53 -8.26
C LYS A 165 -7.65 -18.49 -9.75
N THR A 166 -7.72 -19.63 -10.43
CA THR A 166 -7.48 -19.66 -11.87
C THR A 166 -8.55 -18.87 -12.61
N ILE A 167 -9.81 -18.99 -12.18
CA ILE A 167 -10.88 -18.22 -12.82
C ILE A 167 -10.62 -16.74 -12.68
N LEU A 168 -10.23 -16.29 -11.48
CA LEU A 168 -9.86 -14.89 -11.30
C LEU A 168 -8.59 -14.55 -12.07
N THR A 169 -7.70 -15.52 -12.25
CA THR A 169 -6.48 -15.30 -13.03
C THR A 169 -6.79 -15.21 -14.51
N ASP A 170 -7.66 -16.08 -15.03
CA ASP A 170 -7.95 -16.10 -16.45
C ASP A 170 -8.84 -14.93 -16.85
N THR A 171 -9.85 -14.62 -16.03
CA THR A 171 -10.78 -13.54 -16.35
C THR A 171 -10.05 -12.20 -16.39
N LYS A 172 -9.27 -11.90 -15.35
CA LYS A 172 -8.53 -10.65 -15.32
C LYS A 172 -7.56 -10.55 -16.49
N THR A 173 -6.98 -11.67 -16.92
CA THR A 173 -6.04 -11.65 -18.03
C THR A 173 -6.77 -11.38 -19.34
N ASN A 174 -7.89 -12.07 -19.58
CA ASN A 174 -8.64 -11.86 -20.80
C ASN A 174 -9.25 -10.47 -20.85
N GLU A 176 -7.82 -7.71 -19.59
CA GLU A 176 -6.70 -6.89 -20.03
C GLU A 176 -6.30 -7.22 -21.46
N SER A 177 -6.57 -8.45 -21.92
CA SER A 177 -6.26 -8.83 -23.29
C SER A 177 -7.27 -8.23 -24.26
N PHE A 178 -8.56 -8.34 -23.94
CA PHE A 178 -9.58 -7.78 -24.81
C PHE A 178 -9.53 -6.26 -24.83
N ASN A 179 -9.06 -5.65 -23.74
CA ASN A 179 -9.00 -4.19 -23.68
C ASN A 179 -8.02 -3.61 -24.70
N GLY A 180 -7.10 -4.42 -25.22
CA GLY A 180 -6.18 -4.01 -26.26
C GLY A 180 -6.58 -4.41 -27.66
N TRP A 181 -7.74 -5.03 -27.82
CA TRP A 181 -8.19 -5.45 -29.16
C TRP A 181 -8.57 -4.24 -29.99
N THR A 182 -8.28 -4.30 -31.29
CA THR A 182 -8.51 -3.20 -32.20
C THR A 182 -9.47 -3.63 -33.31
N ARG A 183 -10.31 -2.70 -33.75
CA ARG A 183 -11.21 -2.98 -34.86
C ARG A 183 -10.49 -2.78 -36.18
N GLY A 184 -11.22 -3.00 -37.28
CA GLY A 184 -10.67 -2.78 -38.60
C GLY A 184 -10.80 -1.34 -39.05
N THR A 185 -10.17 -1.04 -40.19
CA THR A 185 -10.18 0.29 -40.77
C THR A 185 -11.32 0.49 -41.75
N GLU A 186 -12.34 -0.37 -41.72
CA GLU A 186 -13.44 -0.28 -42.69
C GLU A 186 -14.12 1.08 -42.62
N LEU A 187 -14.50 1.50 -41.43
CA LEU A 187 -15.17 2.80 -41.28
C LEU A 187 -14.20 3.95 -41.51
N ALA A 188 -12.93 3.77 -41.13
CA ALA A 188 -11.95 4.83 -41.36
C ALA A 188 -11.65 4.99 -42.85
N ASP A 189 -11.63 3.89 -43.59
CA ASP A 189 -11.40 3.96 -45.02
C ASP A 189 -12.61 4.53 -45.76
N LEU A 190 -13.82 4.25 -45.26
CA LEU A 190 -15.02 4.83 -45.87
C LEU A 190 -15.05 6.34 -45.67
N LEU A 191 -14.76 6.80 -44.45
CA LEU A 191 -14.81 8.23 -44.17
C LEU A 191 -13.70 8.99 -44.86
N LEU A 192 -12.53 8.36 -45.04
CA LEU A 192 -11.46 9.00 -45.80
C LEU A 192 -11.86 9.17 -47.25
N SER A 193 -12.56 8.18 -47.82
CA SER A 193 -13.07 8.33 -49.17
C SER A 193 -14.12 9.41 -49.26
N GLN A 194 -14.92 9.59 -48.20
CA GLN A 194 -15.89 10.68 -48.17
C GLN A 194 -15.18 12.03 -48.13
N THR A 195 -14.15 12.15 -47.29
CA THR A 195 -13.46 13.42 -47.15
C THR A 195 -12.71 13.81 -48.41
N GLN A 196 -12.02 12.84 -49.03
CA GLN A 196 -11.26 13.14 -50.25
C GLN A 196 -12.19 13.54 -51.39
N THR A 197 -13.35 12.90 -51.49
CA THR A 197 -14.30 13.25 -52.54
C THR A 197 -14.87 14.65 -52.32
N ILE A 198 -15.22 14.98 -51.08
CA ILE A 198 -15.77 16.30 -50.78
C ILE A 198 -14.72 17.38 -51.02
N GLU A 199 -13.46 17.12 -50.65
CA GLU A 199 -12.40 18.10 -50.87
C GLU A 199 -12.17 18.34 -52.35
N THR A 200 -12.34 17.31 -53.19
CA THR A 200 -12.20 17.51 -54.63
C THR A 200 -13.34 18.36 -55.17
N LEU A 201 -14.57 18.12 -54.70
CA LEU A 201 -15.69 18.96 -55.11
C LEU A 201 -15.54 20.39 -54.62
N ILE A 202 -14.83 20.60 -53.51
CA ILE A 202 -14.58 21.96 -53.04
C ILE A 202 -13.62 22.67 -53.98
N GLY A 203 -12.56 21.97 -54.43
CA GLY A 203 -11.61 22.57 -55.36
C GLY A 203 -12.19 22.92 -56.71
N TYR A 204 -13.26 22.26 -57.13
CA TYR A 204 -13.93 22.56 -58.39
C TYR A 204 -15.04 23.59 -58.26
N ALA A 205 -15.38 24.01 -57.03
CA ALA A 205 -16.48 24.94 -56.82
C ALA A 205 -16.13 26.37 -57.26
N SER A 206 -14.85 26.68 -57.45
CA SER A 206 -14.47 28.01 -57.90
C SER A 206 -14.58 28.18 -59.40
N SER A 207 -14.57 27.09 -60.16
CA SER A 207 -14.72 27.15 -61.60
C SER A 207 -16.16 26.82 -61.99
N GLY A 208 -16.42 26.81 -63.30
CA GLY A 208 -17.76 26.52 -63.78
C GLY A 208 -18.05 25.04 -63.85
N TYR A 209 -19.35 24.72 -63.91
CA TYR A 209 -19.76 23.32 -63.99
C TYR A 209 -19.37 22.70 -65.34
N THR A 210 -19.27 23.51 -66.38
CA THR A 210 -18.90 23.04 -67.70
C THR A 210 -17.41 23.17 -67.99
N ALA A 211 -16.60 23.43 -66.97
CA ALA A 211 -15.16 23.44 -67.15
C ALA A 211 -14.67 22.05 -67.53
N ALA A 212 -13.64 22.00 -68.38
CA ALA A 212 -13.17 20.73 -68.92
C ALA A 212 -12.79 19.75 -67.82
N ASP A 213 -12.00 20.22 -66.84
CA ASP A 213 -11.59 19.34 -65.75
C ASP A 213 -12.75 19.02 -64.82
N ALA A 214 -13.61 20.01 -64.55
CA ALA A 214 -14.73 19.79 -63.65
C ALA A 214 -15.79 18.90 -64.28
N LYS A 215 -16.11 19.14 -65.56
CA LYS A 215 -17.11 18.32 -66.23
C LYS A 215 -16.67 16.86 -66.31
N SER A 216 -15.39 16.63 -66.63
CA SER A 216 -14.90 15.26 -66.71
C SER A 216 -14.97 14.55 -65.37
N PHE A 217 -14.77 15.30 -64.28
CA PHE A 217 -14.89 14.69 -62.96
C PHE A 217 -16.34 14.39 -62.62
N TYR A 218 -17.26 15.31 -62.94
CA TYR A 218 -18.67 15.10 -62.63
C TYR A 218 -19.24 13.89 -63.36
N ASN A 219 -18.77 13.62 -64.57
CA ASN A 219 -19.29 12.50 -65.35
C ASN A 219 -18.62 11.17 -65.04
N ASN A 220 -17.61 11.16 -64.17
CA ASN A 220 -16.95 9.92 -63.79
C ASN A 220 -17.75 9.25 -62.68
N ASN A 221 -18.14 7.99 -62.89
CA ASN A 221 -19.01 7.28 -61.98
C ASN A 221 -18.27 6.21 -61.17
N GLU A 222 -16.98 6.41 -60.93
CA GLU A 222 -16.22 5.44 -60.14
C GLU A 222 -16.57 5.53 -58.67
N PHE A 223 -16.73 6.76 -58.15
CA PHE A 223 -17.14 6.92 -56.76
C PHE A 223 -18.56 6.38 -56.54
N LEU A 224 -19.44 6.57 -57.53
CA LEU A 224 -20.78 6.00 -57.43
C LEU A 224 -20.74 4.48 -57.42
N GLN A 225 -19.94 3.88 -58.30
CA GLN A 225 -19.83 2.42 -58.31
C GLN A 225 -19.22 1.90 -57.02
N GLY A 226 -18.30 2.65 -56.41
CA GLY A 226 -17.74 2.24 -55.14
C GLY A 226 -18.76 2.25 -54.03
N VAL A 227 -19.62 3.27 -54.01
CA VAL A 227 -20.68 3.33 -53.00
C VAL A 227 -21.72 2.25 -53.26
N ASN A 228 -22.02 1.98 -54.52
CA ASN A 228 -22.96 0.92 -54.86
C ASN A 228 -22.44 -0.44 -54.41
N LYS A 229 -21.13 -0.64 -54.48
CA LYS A 229 -20.56 -1.94 -54.10
C LYS A 229 -20.57 -2.10 -52.58
N ILE A 230 -20.38 -1.02 -51.84
CA ILE A 230 -20.46 -1.09 -50.38
C ILE A 230 -21.89 -1.38 -49.95
N ALA A 231 -22.87 -0.77 -50.62
CA ALA A 231 -24.27 -0.99 -50.25
C ALA A 231 -24.72 -2.39 -50.62
N GLU A 232 -24.26 -2.92 -51.77
CA GLU A 232 -24.66 -4.26 -52.17
C GLU A 232 -24.08 -5.31 -51.25
N ALA A 233 -22.85 -5.10 -50.78
CA ALA A 233 -22.25 -6.03 -49.83
C ALA A 233 -22.99 -5.99 -48.49
N ILE A 234 -23.52 -4.83 -48.12
CA ILE A 234 -24.26 -4.71 -46.87
C ILE A 234 -25.56 -5.50 -46.93
N ALA A 235 -26.19 -5.55 -48.11
CA ALA A 235 -27.41 -6.30 -48.34
C ALA A 235 -27.19 -7.82 -48.36
N ASN A 236 -26.02 -8.30 -47.95
CA ASN A 236 -25.76 -9.73 -47.88
C ASN A 236 -24.54 -10.04 -47.00
N SER B 2 4.67 -72.35 61.92
CA SER B 2 5.84 -71.65 62.43
C SER B 2 6.88 -71.48 61.34
N GLU B 3 7.17 -72.57 60.62
CA GLU B 3 8.10 -72.54 59.49
C GLU B 3 7.40 -72.70 58.16
N THR B 4 6.26 -73.40 58.12
CA THR B 4 5.40 -73.42 56.95
C THR B 4 4.23 -72.47 57.06
N SER B 5 3.89 -72.03 58.28
CA SER B 5 2.85 -71.03 58.46
C SER B 5 3.38 -69.62 58.24
N ALA B 6 4.57 -69.32 58.78
CA ALA B 6 5.17 -68.01 58.53
C ALA B 6 5.59 -67.87 57.08
N SER B 7 6.13 -68.93 56.48
CA SER B 7 6.49 -68.89 55.07
C SER B 7 5.25 -68.76 54.19
N TYR B 8 4.10 -69.25 54.67
CA TYR B 8 2.86 -69.11 53.91
C TYR B 8 2.42 -67.65 53.86
N TYR B 9 2.36 -66.99 55.02
CA TYR B 9 1.95 -65.60 55.05
C TYR B 9 3.02 -64.67 54.48
N GLN B 10 4.29 -65.03 54.62
CA GLN B 10 5.35 -64.23 54.01
C GLN B 10 5.27 -64.28 52.49
N ASP B 11 4.95 -65.45 51.93
CA ASP B 11 4.80 -65.56 50.49
C ASP B 11 3.62 -64.73 49.99
N LEU B 12 2.52 -64.72 50.74
CA LEU B 12 1.39 -63.89 50.35
C LEU B 12 1.71 -62.40 50.47
N ALA B 13 2.51 -62.03 51.47
CA ALA B 13 2.95 -60.64 51.58
C ALA B 13 3.90 -60.26 50.46
N ASN B 14 4.73 -61.20 50.00
CA ASN B 14 5.63 -60.92 48.88
C ASN B 14 4.86 -60.72 47.59
N LYS B 15 3.76 -61.47 47.40
CA LYS B 15 2.96 -61.31 46.19
C LYS B 15 2.21 -59.98 46.20
N GLU B 16 1.65 -59.61 47.36
CA GLU B 16 0.96 -58.33 47.44
C GLU B 16 1.91 -57.15 47.30
N SER B 17 3.17 -57.33 47.72
CA SER B 17 4.17 -56.30 47.48
C SER B 17 4.43 -56.14 46.00
N ALA B 18 4.50 -57.25 45.27
CA ALA B 18 4.69 -57.18 43.82
C ALA B 18 3.46 -56.59 43.13
N ASN B 19 2.26 -56.90 43.63
CA ASN B 19 1.05 -56.33 43.05
C ASN B 19 0.98 -54.83 43.25
N TYR B 20 1.46 -54.35 44.41
CA TYR B 20 1.47 -52.92 44.66
C TYR B 20 2.42 -52.20 43.71
N ASN B 21 3.64 -52.74 43.56
CA ASN B 21 4.63 -52.09 42.70
C ASN B 21 4.20 -52.12 41.24
N ASN B 22 3.51 -53.18 40.82
CA ASN B 22 3.03 -53.25 39.44
C ASN B 22 1.89 -52.27 39.21
N ALA B 23 0.98 -52.15 40.18
CA ALA B 23 -0.14 -51.23 40.01
C ALA B 23 0.32 -49.78 40.00
N ILE B 24 1.34 -49.46 40.81
CA ILE B 24 1.85 -48.09 40.82
C ILE B 24 2.54 -47.76 39.50
N SER B 25 3.30 -48.72 38.95
CA SER B 25 3.99 -48.48 37.70
C SER B 25 3.02 -48.32 36.54
N GLN B 26 1.98 -49.15 36.50
CA GLN B 26 0.97 -48.99 35.45
C GLN B 26 0.22 -47.68 35.60
N LYS B 27 0.00 -47.24 36.84
CA LYS B 27 -0.64 -45.95 37.07
C LYS B 27 0.25 -44.80 36.62
N ALA B 28 1.56 -44.93 36.81
CA ALA B 28 2.48 -43.90 36.36
C ALA B 28 2.51 -43.81 34.84
N ALA B 29 2.37 -44.94 34.16
CA ALA B 29 2.34 -44.92 32.70
C ALA B 29 1.03 -44.33 32.20
N ILE B 30 -0.08 -44.63 32.86
CA ILE B 30 -1.36 -44.05 32.48
C ILE B 30 -1.36 -42.54 32.73
N ASP B 31 -0.83 -42.11 33.88
CA ASP B 31 -0.73 -40.69 34.17
C ASP B 31 0.16 -39.97 33.16
N ALA B 32 1.15 -40.68 32.60
CA ALA B 32 1.98 -40.08 31.56
C ALA B 32 1.20 -39.92 30.26
N GLN B 33 0.34 -40.89 29.95
CA GLN B 33 -0.52 -40.75 28.78
C GLN B 33 -1.55 -39.64 28.97
N ILE B 34 -2.02 -39.45 30.21
CA ILE B 34 -2.97 -38.37 30.47
C ILE B 34 -2.30 -37.02 30.22
N SER B 35 -1.06 -36.86 30.70
CA SER B 35 -0.36 -35.59 30.53
C SER B 35 -0.11 -35.29 29.05
N ARG B 36 0.26 -36.31 28.27
CA ARG B 36 0.49 -36.09 26.85
C ARG B 36 -0.78 -35.72 26.12
N LEU B 37 -1.93 -36.27 26.54
CA LEU B 37 -3.19 -35.92 25.92
C LEU B 37 -3.65 -34.52 26.32
N GLU B 38 -3.35 -34.11 27.56
CA GLU B 38 -3.63 -32.73 27.96
C GLU B 38 -2.85 -31.76 27.10
N THR B 39 -1.59 -32.09 26.78
CA THR B 39 -0.80 -31.27 25.87
C THR B 39 -1.42 -31.25 24.47
N ALA B 40 -1.86 -32.41 23.99
CA ALA B 40 -2.48 -32.47 22.67
C ALA B 40 -3.81 -31.73 22.65
N LYS B 41 -4.58 -31.78 23.74
CA LYS B 41 -5.86 -31.07 23.78
C LYS B 41 -5.63 -29.56 23.80
N THR B 42 -4.58 -29.10 24.45
CA THR B 42 -4.30 -27.67 24.51
C THR B 42 -3.87 -27.13 23.14
N ASN B 43 -2.98 -27.85 22.46
CA ASN B 43 -2.49 -27.38 21.16
C ASN B 43 -3.51 -27.57 20.06
N LEU B 44 -4.34 -28.61 20.15
CA LEU B 44 -5.38 -28.80 19.14
C LEU B 44 -6.47 -27.74 19.26
N SER B 45 -6.80 -27.34 20.49
CA SER B 45 -7.78 -26.28 20.67
C SER B 45 -7.26 -24.95 20.14
N THR B 46 -5.95 -24.71 20.24
CA THR B 46 -5.38 -23.49 19.68
C THR B 46 -5.43 -23.51 18.15
N GLN B 47 -5.14 -24.66 17.54
CA GLN B 47 -5.20 -24.76 16.09
C GLN B 47 -6.63 -24.76 15.58
N ILE B 48 -7.59 -25.21 16.40
CA ILE B 48 -8.98 -25.16 16.00
C ILE B 48 -9.48 -23.72 15.98
N ASN B 49 -9.08 -22.91 16.98
CA ASN B 49 -9.42 -21.49 16.97
C ASN B 49 -8.76 -20.78 15.79
N ASN B 50 -7.54 -21.16 15.46
CA ASN B 50 -6.88 -20.58 14.28
C ASN B 50 -7.54 -21.03 13.00
N PHE B 51 -8.06 -22.27 12.96
CA PHE B 51 -8.76 -22.73 11.76
C PHE B 51 -10.06 -21.96 11.56
N GLN B 52 -10.69 -21.51 12.64
CA GLN B 52 -11.93 -20.76 12.53
C GLN B 52 -11.68 -19.31 12.11
N THR B 53 -10.71 -18.65 12.73
CA THR B 53 -10.48 -17.24 12.45
C THR B 53 -9.67 -17.01 11.18
N ASP B 54 -8.62 -17.80 10.97
CA ASP B 54 -7.71 -17.56 9.87
C ASP B 54 -8.08 -18.29 8.58
N ILE B 55 -9.09 -19.17 8.61
CA ILE B 55 -9.47 -19.91 7.42
C ILE B 55 -10.96 -19.75 7.16
N VAL B 56 -11.79 -20.21 8.09
CA VAL B 56 -13.24 -20.19 7.88
C VAL B 56 -13.77 -18.78 7.86
N ASP B 57 -13.33 -17.94 8.80
CA ASP B 57 -13.84 -16.56 8.86
C ASP B 57 -13.29 -15.69 7.74
N LYS B 58 -12.16 -16.07 7.13
CA LYS B 58 -11.59 -15.27 6.05
C LYS B 58 -12.19 -15.57 4.70
N SER B 60 -15.14 -15.07 3.51
CA SER B 60 -15.99 -14.01 3.00
C SER B 60 -15.19 -12.94 2.26
N ASP B 61 -13.88 -12.88 2.46
CA ASP B 61 -13.03 -11.89 1.80
C ASP B 61 -12.67 -12.26 0.36
N ILE B 62 -13.06 -13.46 -0.10
CA ILE B 62 -12.79 -13.87 -1.48
C ILE B 62 -14.09 -14.33 -2.12
N GLU B 63 -15.22 -13.96 -1.53
CA GLU B 63 -16.51 -14.39 -2.05
C GLU B 63 -16.93 -13.56 -3.25
N GLY B 64 -16.92 -12.24 -3.12
CA GLY B 64 -17.33 -11.38 -4.21
C GLY B 64 -18.82 -11.15 -4.30
N GLU B 65 -19.51 -11.09 -3.16
CA GLU B 65 -20.96 -10.99 -3.13
C GLU B 65 -21.51 -9.65 -3.63
N ASP B 66 -20.65 -8.71 -4.03
CA ASP B 66 -21.10 -7.42 -4.52
C ASP B 66 -21.61 -7.58 -5.96
N SER B 67 -22.93 -7.46 -6.14
CA SER B 67 -23.50 -7.56 -7.47
C SER B 67 -23.18 -6.35 -8.33
N SER B 68 -22.82 -5.22 -7.72
CA SER B 68 -22.49 -4.02 -8.47
C SER B 68 -21.05 -4.03 -8.99
N GLN B 69 -20.27 -5.06 -8.67
CA GLN B 69 -18.90 -5.17 -9.15
C GLN B 69 -18.55 -6.52 -9.74
N PHE B 70 -19.36 -7.56 -9.51
CA PHE B 70 -19.07 -8.88 -10.06
C PHE B 70 -20.39 -9.59 -10.31
N LYS B 71 -20.73 -9.77 -11.59
CA LYS B 71 -21.98 -10.41 -11.98
C LYS B 71 -21.80 -11.01 -13.37
N GLY B 72 -22.40 -12.18 -13.58
CA GLY B 72 -22.38 -12.83 -14.87
C GLY B 72 -21.98 -14.29 -14.73
N ASP B 73 -21.62 -14.89 -15.86
CA ASP B 73 -21.23 -16.29 -15.87
C ASP B 73 -19.89 -16.51 -15.21
N ARG B 74 -19.00 -15.51 -15.26
CA ARG B 74 -17.71 -15.65 -14.59
C ARG B 74 -17.89 -15.71 -13.08
N LYS B 75 -18.82 -14.92 -12.53
CA LYS B 75 -19.14 -15.03 -11.12
C LYS B 75 -19.77 -16.38 -10.81
N THR B 76 -20.60 -16.90 -11.71
CA THR B 76 -21.24 -18.19 -11.48
C THR B 76 -20.21 -19.30 -11.39
N LYS B 77 -19.27 -19.34 -12.35
CA LYS B 77 -18.20 -20.32 -12.28
C LYS B 77 -17.32 -20.11 -11.05
N TYR B 78 -17.16 -18.87 -10.61
CA TYR B 78 -16.32 -18.59 -9.45
C TYR B 78 -17.06 -18.88 -8.15
N ALA B 79 -18.36 -18.62 -8.10
CA ALA B 79 -19.13 -18.91 -6.90
C ALA B 79 -19.24 -20.41 -6.65
N GLU B 80 -19.20 -21.21 -7.71
CA GLU B 80 -19.24 -22.66 -7.54
C GLU B 80 -17.98 -23.16 -6.86
N GLN B 81 -16.81 -22.71 -7.33
CA GLN B 81 -15.55 -23.14 -6.72
C GLN B 81 -15.39 -22.57 -5.33
N TYR B 82 -15.93 -21.37 -5.08
CA TYR B 82 -15.90 -20.81 -3.74
C TYR B 82 -16.72 -21.66 -2.78
N THR B 83 -17.89 -22.14 -3.22
CA THR B 83 -18.73 -22.96 -2.37
C THR B 83 -18.04 -24.28 -2.03
N SER B 84 -17.37 -24.89 -3.01
CA SER B 84 -16.61 -26.11 -2.73
C SER B 84 -15.45 -25.85 -1.80
N THR B 85 -14.83 -24.68 -1.88
CA THR B 85 -13.73 -24.35 -0.97
C THR B 85 -14.25 -24.11 0.43
N LYS B 86 -15.33 -23.34 0.57
CA LYS B 86 -15.89 -23.05 1.89
C LYS B 86 -16.48 -24.31 2.52
N SER B 87 -17.10 -25.17 1.71
CA SER B 87 -17.65 -26.42 2.24
C SER B 87 -16.54 -27.36 2.70
N ALA B 88 -15.39 -27.34 2.02
CA ALA B 88 -14.29 -28.21 2.42
C ALA B 88 -13.63 -27.71 3.70
N ALA B 89 -13.54 -26.39 3.86
CA ALA B 89 -12.95 -25.83 5.08
C ALA B 89 -13.83 -26.09 6.29
N THR B 90 -15.15 -26.00 6.11
CA THR B 90 -16.06 -26.32 7.20
C THR B 90 -16.01 -27.80 7.56
N THR B 91 -15.91 -28.67 6.55
CA THR B 91 -15.81 -30.10 6.81
C THR B 91 -14.53 -30.43 7.56
N ASN B 92 -13.41 -29.82 7.18
CA ASN B 92 -12.14 -30.09 7.85
C ASN B 92 -12.13 -29.57 9.29
N LYS B 93 -12.83 -28.47 9.56
CA LYS B 93 -12.93 -28.00 10.93
C LYS B 93 -13.78 -28.95 11.77
N THR B 94 -14.89 -29.44 11.19
CA THR B 94 -15.71 -30.43 11.88
C THR B 94 -14.92 -31.69 12.19
N SER B 95 -14.00 -32.07 11.30
CA SER B 95 -13.15 -33.22 11.55
C SER B 95 -12.24 -32.97 12.76
N HIS B 96 -11.71 -31.75 12.87
CA HIS B 96 -10.89 -31.42 14.03
C HIS B 96 -11.70 -31.41 15.32
N ASP B 97 -12.93 -30.93 15.26
CA ASP B 97 -13.79 -30.93 16.44
C ASP B 97 -14.14 -32.35 16.86
N THR B 98 -14.31 -33.26 15.90
CA THR B 98 -14.58 -34.65 16.24
C THR B 98 -13.38 -35.30 16.90
N ASN B 99 -12.17 -35.02 16.39
CA ASN B 99 -10.97 -35.57 17.02
C ASN B 99 -10.74 -34.97 18.40
N LEU B 100 -11.11 -33.70 18.59
CA LEU B 100 -10.98 -33.09 19.92
C LEU B 100 -11.90 -33.76 20.93
N THR B 101 -13.11 -34.15 20.49
CA THR B 101 -14.02 -34.86 21.37
C THR B 101 -13.49 -36.25 21.70
N SER B 102 -12.87 -36.91 20.72
CA SER B 102 -12.30 -38.24 20.97
C SER B 102 -11.14 -38.17 21.96
N ILE B 103 -10.35 -37.08 21.90
CA ILE B 103 -9.26 -36.92 22.85
C ILE B 103 -9.80 -36.69 24.26
N THR B 104 -10.84 -35.86 24.38
CA THR B 104 -11.42 -35.60 25.69
C THR B 104 -12.01 -36.87 26.30
N ASN B 105 -12.70 -37.67 25.48
CA ASN B 105 -13.25 -38.92 25.97
C ASN B 105 -12.15 -39.91 26.36
N LYS B 106 -11.02 -39.88 25.65
CA LYS B 106 -9.92 -40.76 26.00
C LYS B 106 -9.27 -40.33 27.31
N ILE B 107 -9.22 -39.03 27.57
CA ILE B 107 -8.67 -38.53 28.83
C ILE B 107 -9.54 -38.96 29.99
N THR B 108 -10.87 -38.89 29.81
CA THR B 108 -11.79 -39.30 30.87
C THR B 108 -11.66 -40.79 31.16
N GLU B 109 -11.50 -41.61 30.11
CA GLU B 109 -11.36 -43.05 30.32
C GLU B 109 -10.04 -43.39 31.01
N LEU B 110 -8.97 -42.65 30.69
CA LEU B 110 -7.68 -42.91 31.34
C LEU B 110 -7.69 -42.44 32.79
N GLN B 111 -8.41 -41.36 33.09
CA GLN B 111 -8.51 -40.91 34.48
C GLN B 111 -9.29 -41.92 35.32
N THR B 112 -10.31 -42.55 34.74
CA THR B 112 -11.03 -43.61 35.44
C THR B 112 -10.11 -44.80 35.69
N GLN B 113 -9.26 -45.13 34.71
CA GLN B 113 -8.35 -46.26 34.89
C GLN B 113 -7.26 -45.95 35.91
N SER B 114 -6.84 -44.69 35.99
CA SER B 114 -5.83 -44.32 36.98
C SER B 114 -6.37 -44.43 38.39
N THR B 115 -7.67 -44.12 38.57
CA THR B 115 -8.28 -44.24 39.89
C THR B 115 -8.43 -45.71 40.29
N SER B 116 -8.79 -46.57 39.34
CA SER B 116 -8.88 -47.99 39.62
C SER B 116 -7.53 -48.58 39.99
N LEU B 117 -6.48 -48.12 39.31
CA LEU B 117 -5.13 -48.60 39.62
C LEU B 117 -4.68 -48.12 41.00
N GLN B 118 -5.11 -46.93 41.42
CA GLN B 118 -4.81 -46.47 42.76
C GLN B 118 -5.61 -47.24 43.81
N SER B 119 -6.86 -47.60 43.49
CA SER B 119 -7.66 -48.40 44.40
C SER B 119 -7.09 -49.81 44.54
N ALA B 120 -6.56 -50.36 43.43
CA ALA B 120 -5.93 -51.67 43.50
C ALA B 120 -4.64 -51.62 44.30
N ALA B 121 -3.90 -50.51 44.22
CA ALA B 121 -2.67 -50.39 44.99
C ALA B 121 -2.96 -50.27 46.48
N ASP B 122 -4.00 -49.53 46.85
CA ASP B 122 -4.36 -49.41 48.26
C ASP B 122 -4.81 -50.75 48.83
N THR B 123 -5.53 -51.54 48.03
CA THR B 123 -5.93 -52.87 48.50
C THR B 123 -4.73 -53.78 48.67
N ALA B 124 -3.81 -53.77 47.70
CA ALA B 124 -2.63 -54.62 47.79
C ALA B 124 -1.73 -54.22 48.95
N TYR B 125 -1.65 -52.93 49.26
CA TYR B 125 -0.79 -52.49 50.37
C TYR B 125 -1.39 -52.88 51.71
N SER B 126 -2.72 -52.80 51.85
CA SER B 126 -3.36 -53.21 53.08
C SER B 126 -3.29 -54.72 53.27
N ASN B 127 -3.43 -55.48 52.18
CA ASN B 127 -3.28 -56.92 52.26
C ASN B 127 -1.85 -57.31 52.63
N LEU B 129 0.20 -55.52 54.46
CA LEU B 129 0.40 -55.22 55.88
C LEU B 129 -0.20 -56.30 56.77
N SER B 130 -1.36 -56.82 56.37
CA SER B 130 -2.00 -57.89 57.14
C SER B 130 -1.19 -59.18 57.04
N TYR B 131 -0.77 -59.54 55.82
CA TYR B 131 0.04 -60.74 55.65
C TYR B 131 1.39 -60.62 56.36
N GLN B 132 1.98 -59.42 56.34
CA GLN B 132 3.27 -59.23 56.99
C GLN B 132 3.14 -59.33 58.51
N ALA B 133 2.02 -58.85 59.06
CA ALA B 133 1.80 -58.97 60.49
C ALA B 133 1.57 -60.41 60.91
N SER B 134 0.83 -61.17 60.08
CA SER B 134 0.60 -62.57 60.38
C SER B 134 1.89 -63.38 60.22
N ALA B 135 2.75 -63.00 59.28
CA ALA B 135 4.01 -63.71 59.09
C ALA B 135 5.01 -63.39 60.20
N ASN B 136 4.95 -62.16 60.74
CA ASN B 136 5.85 -61.80 61.84
C ASN B 136 5.43 -62.48 63.14
N ALA B 137 4.13 -62.55 63.40
CA ALA B 137 3.67 -63.15 64.65
C ALA B 137 3.83 -64.67 64.63
N ALA B 138 3.88 -65.28 63.44
CA ALA B 138 4.02 -66.72 63.35
C ALA B 138 5.40 -67.20 63.78
N ASN B 139 6.30 -66.27 64.08
CA ASN B 139 7.62 -66.61 64.61
C ASN B 139 8.00 -65.67 65.75
N GLY C 5 -36.76 27.41 -71.54
CA GLY C 5 -36.65 28.52 -70.63
C GLY C 5 -36.13 28.10 -69.26
N THR C 6 -35.73 29.09 -68.46
CA THR C 6 -35.20 28.85 -67.12
C THR C 6 -36.04 29.62 -66.11
N ASP C 7 -36.65 28.91 -65.18
CA ASP C 7 -37.43 29.51 -64.11
C ASP C 7 -36.55 29.60 -62.87
N TYR C 8 -36.02 30.80 -62.59
CA TYR C 8 -35.09 30.96 -61.49
C TYR C 8 -35.77 30.77 -60.13
N SER C 9 -37.04 31.16 -60.01
CA SER C 9 -37.74 31.02 -58.73
C SER C 9 -37.91 29.55 -58.36
N ALA C 10 -38.34 28.72 -59.31
CA ALA C 10 -38.50 27.30 -59.03
C ALA C 10 -37.16 26.63 -58.75
N TRP C 11 -36.12 27.03 -59.48
CA TRP C 11 -34.80 26.44 -59.28
C TRP C 11 -34.21 26.85 -57.93
N SER C 12 -34.31 28.13 -57.59
CA SER C 12 -33.79 28.60 -56.31
C SER C 12 -34.56 28.01 -55.14
N GLU C 13 -35.84 27.71 -55.33
CA GLU C 13 -36.62 27.08 -54.27
C GLU C 13 -36.20 25.63 -54.06
N LEU C 14 -35.83 24.94 -55.14
CA LEU C 14 -35.37 23.56 -55.00
C LEU C 14 -33.97 23.50 -54.38
N THR C 15 -33.08 24.41 -54.78
CA THR C 15 -31.76 24.46 -54.15
C THR C 15 -31.85 24.89 -52.70
N SER C 16 -32.86 25.69 -52.35
CA SER C 16 -33.07 26.05 -50.94
C SER C 16 -33.52 24.85 -50.13
N SER C 17 -34.37 24.00 -50.71
CA SER C 17 -34.77 22.77 -50.02
C SER C 17 -33.60 21.81 -49.89
N VAL C 18 -32.67 21.83 -50.83
CA VAL C 18 -31.47 21.00 -50.71
C VAL C 18 -30.62 21.46 -49.54
N ASN C 19 -30.37 22.77 -49.45
CA ASN C 19 -29.56 23.29 -48.36
C ASN C 19 -30.24 23.10 -47.02
N THR C 20 -31.57 23.14 -46.98
CA THR C 20 -32.29 22.91 -45.74
C THR C 20 -32.20 21.45 -45.31
N SER C 21 -32.40 20.53 -46.26
CA SER C 21 -32.41 19.11 -45.92
C SER C 21 -31.02 18.62 -45.54
N VAL C 22 -29.97 19.12 -46.20
CA VAL C 22 -28.62 18.69 -45.86
C VAL C 22 -28.20 19.22 -44.49
N SER C 23 -28.50 20.49 -44.22
CA SER C 23 -28.22 21.04 -42.89
C SER C 23 -29.16 20.46 -41.84
N GLY C 24 -30.28 19.87 -42.25
CA GLY C 24 -31.17 19.21 -41.31
C GLY C 24 -30.64 17.93 -40.73
N ILE C 25 -29.50 17.44 -41.23
CA ILE C 25 -28.86 16.25 -40.70
C ILE C 25 -28.13 16.62 -39.41
N VAL C 26 -28.58 16.06 -38.30
CA VAL C 26 -28.06 16.42 -36.98
C VAL C 26 -26.81 15.60 -36.67
N ASP C 27 -26.17 15.91 -35.54
CA ASP C 27 -25.00 15.15 -35.11
C ASP C 27 -25.42 13.79 -34.57
N LEU C 28 -24.60 12.77 -34.85
CA LEU C 28 -24.80 11.47 -34.24
C LEU C 28 -24.48 11.57 -32.74
N ALA C 29 -25.48 11.29 -31.91
CA ALA C 29 -25.32 11.44 -30.47
C ALA C 29 -24.23 10.52 -29.94
N SER C 30 -23.31 11.07 -29.16
CA SER C 30 -22.22 10.28 -28.59
C SER C 30 -22.75 9.34 -27.52
N LEU C 31 -22.14 8.17 -27.43
CA LEU C 31 -22.53 7.19 -26.43
C LEU C 31 -22.07 7.63 -25.05
N THR C 32 -22.79 7.19 -24.02
CA THR C 32 -22.52 7.57 -22.64
C THR C 32 -22.19 6.31 -21.84
N PHE C 33 -20.94 6.20 -21.40
CA PHE C 33 -20.48 5.09 -20.56
C PHE C 33 -20.02 5.66 -19.23
N THR C 34 -20.86 5.50 -18.20
CA THR C 34 -20.48 6.00 -16.88
C THR C 34 -19.57 5.01 -16.16
N THR C 35 -19.98 3.74 -16.11
CA THR C 35 -19.22 2.71 -15.40
C THR C 35 -18.29 1.92 -16.32
N THR C 36 -18.65 1.78 -17.60
CA THR C 36 -17.82 1.02 -18.53
C THR C 36 -16.58 1.81 -18.92
N THR C 37 -15.40 1.21 -18.75
CA THR C 37 -14.14 1.87 -19.07
C THR C 37 -13.33 1.13 -20.12
N THR C 39 -11.54 0.11 -23.38
CA THR C 39 -11.07 0.85 -24.55
C THR C 39 -11.82 0.48 -25.84
N PRO C 40 -12.08 -0.78 -26.16
CA PRO C 40 -12.83 -1.07 -27.40
C PRO C 40 -14.21 -0.44 -27.43
N PHE C 41 -14.83 -0.21 -26.28
CA PHE C 41 -16.14 0.44 -26.25
C PHE C 41 -16.05 1.94 -26.04
N THR C 42 -15.00 2.41 -25.34
CA THR C 42 -14.84 3.85 -25.15
C THR C 42 -14.39 4.54 -26.43
N SER C 43 -13.57 3.87 -27.25
CA SER C 43 -13.04 4.44 -28.48
C SER C 43 -14.09 4.65 -29.56
N PHE C 44 -15.35 4.24 -29.34
CA PHE C 44 -16.38 4.45 -30.35
C PHE C 44 -16.73 5.93 -30.51
N ASN C 45 -16.52 6.75 -29.48
CA ASN C 45 -16.82 8.17 -29.59
C ASN C 45 -15.89 8.85 -30.59
N GLU C 46 -14.68 8.31 -30.81
CA GLU C 46 -13.81 8.87 -31.83
C GLU C 46 -14.35 8.60 -33.22
N ASP C 47 -14.98 7.45 -33.42
CA ASP C 47 -15.60 7.16 -34.71
C ASP C 47 -16.85 8.02 -34.92
N ILE C 48 -17.63 8.23 -33.86
CA ILE C 48 -18.79 9.10 -33.97
C ILE C 48 -18.37 10.54 -34.26
N SER C 49 -17.31 11.00 -33.59
CA SER C 49 -16.85 12.37 -33.81
C SER C 49 -16.30 12.56 -35.21
N SER C 50 -15.58 11.55 -35.73
CA SER C 50 -15.08 11.64 -37.10
C SER C 50 -16.20 11.53 -38.11
N PHE C 51 -17.29 10.83 -37.77
CA PHE C 51 -18.45 10.79 -38.65
C PHE C 51 -19.08 12.17 -38.77
N ASN C 52 -19.36 12.81 -37.62
CA ASN C 52 -19.94 14.15 -37.63
C ASN C 52 -19.00 15.18 -38.23
N THR C 53 -17.69 14.94 -38.20
CA THR C 53 -16.75 15.85 -38.84
C THR C 53 -16.87 15.77 -40.35
N ALA C 54 -17.01 14.56 -40.89
CA ALA C 54 -17.16 14.42 -42.33
C ALA C 54 -18.52 14.93 -42.80
N VAL C 55 -19.55 14.75 -41.97
CA VAL C 55 -20.88 15.26 -42.32
C VAL C 55 -20.89 16.79 -42.31
N ALA C 56 -20.27 17.39 -41.30
CA ALA C 56 -20.19 18.85 -41.25
C ALA C 56 -19.40 19.40 -42.43
N LYS C 57 -18.45 18.63 -42.95
CA LYS C 57 -17.69 19.05 -44.13
C LYS C 57 -18.55 18.99 -45.38
N LEU C 58 -19.44 18.00 -45.47
CA LEU C 58 -20.37 17.94 -46.58
C LEU C 58 -21.39 19.06 -46.51
N GLN C 59 -21.82 19.42 -45.29
CA GLN C 59 -22.78 20.50 -45.12
C GLN C 59 -22.18 21.85 -45.51
N SER C 60 -20.88 22.05 -45.26
CA SER C 60 -20.25 23.30 -45.66
C SER C 60 -20.14 23.40 -47.18
N PHE C 61 -19.80 22.28 -47.85
CA PHE C 61 -19.74 22.30 -49.30
C PHE C 61 -21.11 22.48 -49.92
N THR C 62 -22.14 21.85 -49.33
CA THR C 62 -23.49 21.99 -49.85
C THR C 62 -23.97 23.44 -49.78
N SER C 63 -23.65 24.13 -48.69
CA SER C 63 -24.01 25.54 -48.59
C SER C 63 -23.32 26.37 -49.66
N THR C 64 -22.11 25.98 -50.06
CA THR C 64 -21.42 26.67 -51.15
C THR C 64 -21.96 26.25 -52.51
N ASP C 65 -22.28 24.95 -52.67
CA ASP C 65 -22.76 24.46 -53.95
C ASP C 65 -24.15 24.99 -54.28
N VAL C 66 -24.97 25.25 -53.26
CA VAL C 66 -26.29 25.83 -53.51
C VAL C 66 -26.16 27.23 -54.09
N THR C 67 -25.27 28.05 -53.53
CA THR C 67 -24.97 29.36 -54.10
C THR C 67 -24.39 29.22 -55.49
N HIS C 68 -23.56 28.21 -55.71
CA HIS C 68 -22.95 28.00 -57.02
C HIS C 68 -24.00 27.66 -58.06
N ASN C 70 -27.25 28.45 -57.90
CA ASN C 70 -28.11 29.62 -58.09
C ASN C 70 -27.47 30.62 -59.04
N GLN C 71 -26.15 30.79 -58.96
CA GLN C 71 -25.46 31.71 -59.86
C GLN C 71 -25.50 31.19 -61.30
N ALA C 72 -25.38 29.87 -61.48
CA ALA C 72 -25.45 29.30 -62.81
C ALA C 72 -26.82 29.50 -63.43
N ALA C 73 -27.86 29.52 -62.61
CA ALA C 73 -29.21 29.74 -63.13
C ALA C 73 -29.40 31.18 -63.57
N GLU C 74 -28.93 32.14 -62.76
CA GLU C 74 -29.08 33.54 -63.13
C GLU C 74 -28.15 33.92 -64.27
N ASN C 75 -27.02 33.22 -64.39
CA ASN C 75 -26.18 33.42 -65.58
C ASN C 75 -26.87 32.88 -66.82
N LYS C 76 -27.61 31.79 -66.68
CA LYS C 76 -28.39 31.26 -67.80
C LYS C 76 -29.51 32.22 -68.18
N VAL C 77 -30.12 32.88 -67.19
CA VAL C 77 -31.17 33.85 -67.48
C VAL C 77 -30.61 35.08 -68.18
N THR C 78 -29.45 35.56 -67.72
CA THR C 78 -28.85 36.76 -68.29
C THR C 78 -28.36 36.50 -69.71
N ASP C 79 -27.73 35.34 -69.94
CA ASP C 79 -27.12 35.06 -71.24
C ASP C 79 -28.16 34.59 -72.26
N ASP C 80 -29.25 33.97 -71.82
CA ASP C 80 -30.31 33.61 -72.75
C ASP C 80 -31.19 34.80 -73.10
N SER C 81 -31.29 35.79 -72.21
CA SER C 81 -32.03 36.99 -72.53
C SER C 81 -31.37 37.80 -73.64
N ASN C 82 -30.04 37.72 -73.74
CA ASN C 82 -29.31 38.46 -74.78
C ASN C 82 -29.47 37.77 -76.13
N LYS D 16 9.03 14.10 12.68
CA LYS D 16 10.44 14.28 12.38
C LYS D 16 11.00 15.39 13.26
N ILE D 17 12.29 15.29 13.58
CA ILE D 17 12.98 16.31 14.36
C ILE D 17 14.34 16.57 13.73
N ASP D 18 14.88 17.76 13.98
CA ASP D 18 16.20 18.13 13.52
C ASP D 18 16.81 19.05 14.58
N THR D 20 19.58 20.55 14.67
CA THR D 20 20.13 21.77 14.07
C THR D 20 19.07 22.87 14.00
N GLU D 21 17.88 22.51 13.52
CA GLU D 21 16.78 23.47 13.47
C GLU D 21 16.31 23.84 14.87
N VAL D 22 16.37 22.91 15.82
CA VAL D 22 15.92 23.20 17.18
C VAL D 22 16.88 24.17 17.86
N ASN D 23 18.19 23.92 17.77
CA ASN D 23 19.17 24.80 18.40
C ASN D 23 19.20 26.17 17.74
N ASN D 24 18.93 26.24 16.44
CA ASN D 24 18.87 27.55 15.77
C ASN D 24 17.63 28.32 16.22
N GLN D 25 16.54 27.63 16.55
CA GLN D 25 15.35 28.30 17.06
C GLN D 25 15.51 28.73 18.51
N LYS D 26 16.32 28.00 19.30
CA LYS D 26 16.60 28.45 20.65
C LYS D 26 17.50 29.69 20.64
N THR D 27 18.29 29.87 19.57
CA THR D 27 19.10 31.07 19.44
C THR D 27 18.23 32.26 19.02
N ALA D 28 17.28 32.03 18.11
CA ALA D 28 16.36 33.10 17.73
C ALA D 28 15.43 33.45 18.87
N LEU D 29 15.05 32.47 19.69
CA LEU D 29 14.22 32.76 20.86
C LEU D 29 14.99 33.59 21.88
N ALA D 30 16.27 33.29 22.07
CA ALA D 30 17.08 34.05 23.01
C ALA D 30 17.28 35.49 22.55
N ASN D 31 17.41 35.69 21.23
CA ASN D 31 17.56 37.05 20.71
C ASN D 31 16.27 37.84 20.86
N SER D 32 15.12 37.21 20.61
CA SER D 32 13.85 37.88 20.77
C SER D 32 13.57 38.21 22.23
N ILE D 33 13.96 37.34 23.15
CA ILE D 33 13.79 37.60 24.57
C ILE D 33 14.69 38.77 25.00
N SER D 34 15.89 38.85 24.43
CA SER D 34 16.79 39.96 24.75
C SER D 34 16.22 41.28 24.29
N ASN D 35 15.56 41.30 23.12
CA ASN D 35 14.97 42.53 22.63
C ASN D 35 13.76 42.95 23.46
N LEU D 36 12.92 41.98 23.85
CA LEU D 36 11.73 42.31 24.61
C LEU D 36 12.09 42.76 26.03
N ASN D 37 13.10 42.15 26.64
CA ASN D 37 13.51 42.58 27.97
C ASN D 37 14.06 44.00 27.97
N GLY D 38 14.68 44.42 26.88
CA GLY D 38 15.16 45.79 26.79
C GLY D 38 14.02 46.79 26.65
N GLN D 39 12.99 46.43 25.88
CA GLN D 39 11.84 47.31 25.73
C GLN D 39 10.98 47.32 26.99
N ILE D 40 10.93 46.20 27.71
CA ILE D 40 10.18 46.17 28.97
C ILE D 40 10.90 47.01 30.03
N ASP D 41 12.23 46.96 30.05
CA ASP D 41 12.98 47.80 30.98
C ASP D 41 12.79 49.27 30.69
N THR D 42 12.63 49.63 29.41
CA THR D 42 12.33 51.01 29.07
C THR D 42 10.95 51.41 29.57
N ALA D 43 9.97 50.51 29.47
CA ALA D 43 8.64 50.80 29.97
C ALA D 43 8.61 50.88 31.48
N LYS D 44 9.41 50.05 32.16
CA LYS D 44 9.49 50.13 33.62
C LYS D 44 10.12 51.45 34.06
N ASN D 45 11.16 51.90 33.36
CA ASN D 45 11.78 53.17 33.71
C ASN D 45 10.86 54.34 33.41
N SER D 46 9.97 54.19 32.42
CA SER D 46 9.03 55.27 32.12
C SER D 46 7.97 55.39 33.22
N LEU D 47 7.51 54.25 33.75
CA LEU D 47 6.57 54.29 34.88
C LEU D 47 7.24 54.81 36.14
N THR D 48 8.55 54.57 36.29
CA THR D 48 9.28 55.12 37.43
C THR D 48 9.34 56.64 37.37
N ASN D 49 9.52 57.19 36.16
CA ASN D 49 9.53 58.65 36.00
C ASN D 49 8.18 59.25 36.37
N LEU D 50 7.10 58.47 36.28
CA LEU D 50 5.79 58.97 36.72
C LEU D 50 5.73 59.08 38.24
N THR D 51 6.14 58.03 38.95
CA THR D 51 6.05 58.04 40.40
C THR D 51 7.04 59.02 41.03
N SER D 52 8.16 59.27 40.36
CA SER D 52 9.16 60.19 40.87
C SER D 52 8.80 61.65 40.68
N SER D 53 7.81 61.95 39.85
CA SER D 53 7.50 63.31 39.47
C SER D 53 6.68 64.02 40.54
N SER D 54 6.97 65.31 40.71
CA SER D 54 6.19 66.18 41.58
C SER D 54 5.22 67.05 40.81
N SER D 55 5.08 66.80 39.49
CA SER D 55 4.14 67.55 38.66
C SER D 55 2.69 67.32 39.06
N LEU D 56 2.41 66.30 39.87
CA LEU D 56 1.08 66.08 40.42
C LEU D 56 1.20 65.76 41.90
N THR D 57 0.33 66.37 42.70
CA THR D 57 0.36 66.19 44.14
C THR D 57 -1.02 65.81 44.65
N GLY D 58 -1.09 65.50 45.94
CA GLY D 58 -2.34 65.17 46.59
C GLY D 58 -2.57 63.66 46.68
N ASP D 59 -3.74 63.33 47.23
CA ASP D 59 -4.12 61.94 47.40
C ASP D 59 -4.35 61.23 46.07
N VAL D 60 -4.64 61.97 45.00
CA VAL D 60 -4.78 61.32 43.70
C VAL D 60 -3.42 60.90 43.17
N LYS D 61 -2.36 61.57 43.60
CA LYS D 61 -1.01 61.14 43.24
C LYS D 61 -0.56 59.96 44.08
N THR D 62 -0.97 59.91 45.34
CA THR D 62 -0.68 58.76 46.18
C THR D 62 -1.38 57.51 45.65
N ALA D 63 -2.60 57.67 45.13
CA ALA D 63 -3.31 56.54 44.55
C ALA D 63 -2.67 56.07 43.25
N ILE D 64 -2.22 57.02 42.42
CA ILE D 64 -1.57 56.65 41.17
C ILE D 64 -0.22 55.99 41.46
N ASP D 65 0.53 56.52 42.42
CA ASP D 65 1.79 55.90 42.81
C ASP D 65 1.57 54.49 43.34
N ALA D 66 0.51 54.29 44.12
CA ALA D 66 0.21 52.95 44.63
C ALA D 66 -0.17 52.01 43.49
N LYS D 67 -0.91 52.52 42.50
CA LYS D 67 -1.28 51.69 41.35
C LYS D 67 -0.06 51.26 40.56
N ILE D 68 0.87 52.18 40.31
CA ILE D 68 2.04 51.87 39.51
C ILE D 68 2.99 50.95 40.27
N ASN D 69 3.26 51.26 41.53
CA ASN D 69 4.23 50.49 42.31
C ASN D 69 3.72 49.09 42.66
N ASN D 70 2.41 48.88 42.67
CA ASN D 70 1.86 47.59 43.07
C ASN D 70 1.32 46.76 41.92
N TYR D 71 1.21 47.32 40.71
CA TYR D 71 0.60 46.58 39.61
C TYR D 71 1.30 46.80 38.28
N GLN D 72 1.44 48.04 37.85
CA GLN D 72 1.96 48.32 36.52
C GLN D 72 3.40 47.85 36.38
N VAL D 73 4.24 48.19 37.34
CA VAL D 73 5.65 47.74 37.32
C VAL D 73 5.72 46.24 37.57
N PRO D 74 5.01 45.67 38.55
CA PRO D 74 5.03 44.20 38.69
C PRO D 74 4.52 43.46 37.47
N LEU D 75 3.57 44.04 36.72
CA LEU D 75 3.08 43.39 35.51
C LEU D 75 4.19 43.27 34.47
N LEU D 76 5.00 44.33 34.33
CA LEU D 76 6.11 44.27 33.39
C LEU D 76 7.21 43.34 33.88
N THR D 77 7.44 43.31 35.21
CA THR D 77 8.42 42.38 35.75
C THR D 77 7.97 40.93 35.55
N ASN D 78 6.66 40.67 35.69
CA ASN D 78 6.15 39.32 35.51
C ASN D 78 6.20 38.89 34.04
N PHE D 79 6.11 39.84 33.12
CA PHE D 79 6.28 39.50 31.70
C PHE D 79 7.71 39.11 31.39
N THR D 80 8.69 39.70 32.09
CA THR D 80 10.06 39.23 31.98
C THR D 80 10.22 37.84 32.58
N ASN D 81 9.50 37.57 33.67
CA ASN D 81 9.49 36.23 34.23
C ASN D 81 8.86 35.23 33.27
N ALA D 82 7.86 35.67 32.50
CA ALA D 82 7.25 34.78 31.53
C ALA D 82 8.21 34.44 30.40
N LEU D 83 9.00 35.43 29.95
CA LEU D 83 10.02 35.16 28.95
C LEU D 83 11.09 34.21 29.46
N THR D 84 11.48 34.37 30.74
CA THR D 84 12.44 33.45 31.34
C THR D 84 11.85 32.05 31.46
N THR D 85 10.57 31.96 31.84
CA THR D 85 9.92 30.65 31.92
C THR D 85 9.81 30.00 30.55
N LEU D 86 9.53 30.80 29.51
CA LEU D 86 9.48 30.25 28.15
C LEU D 86 10.85 29.75 27.71
N SER D 87 11.91 30.45 28.08
CA SER D 87 13.26 29.99 27.74
C SER D 87 13.61 28.73 28.52
N ALA D 88 13.18 28.64 29.77
CA ALA D 88 13.48 27.46 30.57
C ALA D 88 12.71 26.25 30.08
N GLN D 89 11.46 26.44 29.64
CA GLN D 89 10.67 25.33 29.12
C GLN D 89 11.22 24.82 27.80
N TYR D 90 11.84 25.69 27.01
CA TYR D 90 12.42 25.24 25.74
C TYR D 90 13.67 24.40 25.98
N ASP D 91 14.51 24.81 26.94
CA ASP D 91 15.69 24.00 27.26
C ASP D 91 15.31 22.68 27.90
N LYS D 92 14.24 22.66 28.69
CA LYS D 92 13.79 21.42 29.32
C LYS D 92 13.05 20.52 28.35
N THR D 93 12.48 21.07 27.27
CA THR D 93 11.95 20.22 26.21
C THR D 93 13.08 19.57 25.43
N ILE D 94 14.19 20.29 25.24
CA ILE D 94 15.37 19.70 24.61
C ILE D 94 15.94 18.59 25.49
N GLU D 95 15.99 18.82 26.80
CA GLU D 95 16.46 17.79 27.72
C GLU D 95 15.52 16.58 27.73
N GLN D 96 14.21 16.83 27.56
CA GLN D 96 13.25 15.74 27.53
C GLN D 96 13.42 14.87 26.29
N PHE D 97 13.69 15.50 25.13
CA PHE D 97 13.92 14.74 23.91
C PHE D 97 15.21 13.94 23.99
N GLN D 98 16.29 14.56 24.46
CA GLN D 98 17.59 13.88 24.51
C GLN D 98 17.62 12.76 25.54
N SER D 99 16.66 12.73 26.46
CA SER D 99 16.56 11.67 27.47
C SER D 99 15.61 10.55 27.05
N THR D 100 14.47 10.89 26.44
CA THR D 100 13.52 9.86 26.03
C THR D 100 14.04 9.05 24.86
N VAL D 101 14.71 9.71 23.90
CA VAL D 101 15.22 9.06 22.71
C VAL D 101 16.65 8.57 22.87
N SER D 102 17.36 8.99 23.92
CA SER D 102 18.77 8.68 24.10
C SER D 102 19.59 9.16 22.91
N GLU D 103 19.45 10.44 22.59
CA GLU D 103 20.09 11.05 21.42
C GLU D 103 20.59 12.42 21.82
N ASN D 104 21.89 12.52 22.11
CA ASN D 104 22.51 13.73 22.62
C ASN D 104 23.33 14.46 21.57
N ALA D 105 23.01 14.27 20.28
CA ALA D 105 23.72 14.94 19.20
C ALA D 105 23.09 16.29 18.91
N ALA D 106 23.94 17.26 18.54
CA ALA D 106 23.50 18.62 18.27
C ALA D 106 22.88 18.78 16.89
N ASP D 107 23.04 17.80 15.99
CA ASP D 107 22.51 17.88 14.63
C ASP D 107 21.74 16.64 14.27
N ALA D 108 21.12 15.99 15.26
CA ALA D 108 20.44 14.72 15.02
C ALA D 108 19.17 14.91 14.20
N VAL D 109 18.95 13.99 13.26
CA VAL D 109 17.76 14.00 12.41
C VAL D 109 17.14 12.60 12.47
N ILE D 110 15.87 12.53 12.86
CA ILE D 110 15.16 11.26 12.99
C ILE D 110 13.76 11.43 12.40
N ASP D 111 13.39 10.53 11.49
CA ASP D 111 12.06 10.51 10.88
C ASP D 111 11.48 9.13 11.08
N THR D 112 10.32 9.06 11.74
CA THR D 112 9.69 7.77 12.00
C THR D 112 9.25 7.08 10.71
N ASP D 113 8.80 7.86 9.72
CA ASP D 113 8.44 7.26 8.43
C ASP D 113 9.67 6.72 7.72
N TYR D 114 10.83 7.35 7.90
CA TYR D 114 12.05 6.83 7.29
C TYR D 114 12.53 5.58 8.01
N LEU D 115 12.44 5.56 9.34
CA LEU D 115 12.76 4.35 10.07
C LEU D 115 11.79 3.23 9.77
N GLN D 116 10.52 3.57 9.53
CA GLN D 116 9.54 2.56 9.16
C GLN D 116 9.81 2.01 7.77
N GLY D 117 10.31 2.86 6.87
CA GLY D 117 10.69 2.39 5.56
C GLY D 117 11.83 1.40 5.60
N LEU D 118 12.79 1.62 6.51
CA LEU D 118 13.88 0.67 6.69
C LEU D 118 13.38 -0.62 7.32
N LEU D 119 12.34 -0.54 8.16
CA LEU D 119 11.78 -1.72 8.81
C LEU D 119 10.90 -2.55 7.87
N ASP D 120 10.36 -1.95 6.82
CA ASP D 120 9.48 -2.66 5.90
C ASP D 120 10.21 -3.67 5.02
N ASN D 121 11.53 -3.77 5.13
CA ASN D 121 12.30 -4.71 4.33
C ASN D 121 12.90 -5.84 5.15
N TYR D 122 12.68 -5.85 6.46
CA TYR D 122 13.28 -6.87 7.31
C TYR D 122 12.63 -8.24 7.09
N SER D 123 11.30 -8.28 6.91
CA SER D 123 10.62 -9.55 6.75
C SER D 123 11.09 -10.29 5.49
N GLY D 124 11.35 -9.55 4.41
CA GLY D 124 11.84 -10.18 3.20
C GLY D 124 13.26 -10.70 3.35
N ILE D 125 14.10 -9.98 4.09
CA ILE D 125 15.48 -10.43 4.30
C ILE D 125 15.51 -11.61 5.26
N GLU D 126 14.69 -11.57 6.32
CA GLU D 126 14.66 -12.67 7.28
C GLU D 126 14.17 -13.97 6.65
N THR D 127 13.19 -13.86 5.74
CA THR D 127 12.67 -15.06 5.08
C THR D 127 13.70 -15.66 4.14
N SER D 128 14.42 -14.81 3.39
CA SER D 128 15.44 -15.31 2.48
C SER D 128 16.56 -16.00 3.23
N ILE D 129 16.96 -15.47 4.38
CA ILE D 129 18.03 -16.08 5.15
C ILE D 129 17.61 -17.44 5.67
N SER D 130 16.36 -17.55 6.14
CA SER D 130 15.89 -18.83 6.68
C SER D 130 15.69 -19.86 5.58
N THR D 131 15.21 -19.43 4.41
CA THR D 131 14.96 -20.36 3.32
C THR D 131 16.26 -20.88 2.72
N ILE D 132 17.21 -19.99 2.46
CA ILE D 132 18.48 -20.41 1.88
C ILE D 132 19.26 -21.27 2.86
N ASN D 133 19.17 -20.98 4.16
CA ASN D 133 19.85 -21.81 5.15
C ASN D 133 19.30 -23.23 5.16
N THR D 134 17.99 -23.38 5.01
CA THR D 134 17.39 -24.71 4.96
C THR D 134 17.80 -25.46 3.70
N GLU D 135 17.85 -24.76 2.57
CA GLU D 135 18.20 -25.42 1.31
C GLU D 135 19.67 -25.84 1.30
N THR D 136 20.56 -24.97 1.77
CA THR D 136 21.98 -25.32 1.80
C THR D 136 22.27 -26.41 2.83
N SER D 137 21.56 -26.41 3.96
CA SER D 137 21.75 -27.49 4.93
C SER D 137 21.31 -28.82 4.35
N THR D 138 20.26 -28.82 3.55
CA THR D 138 19.82 -30.06 2.90
C THR D 138 20.81 -30.50 1.83
N ILE D 139 21.40 -29.54 1.11
CA ILE D 139 22.37 -29.88 0.07
C ILE D 139 23.61 -30.51 0.68
N TYR D 140 24.12 -29.91 1.76
CA TYR D 140 25.34 -30.43 2.38
C TYR D 140 25.10 -31.81 3.01
N SER D 141 23.95 -32.00 3.65
CA SER D 141 23.68 -33.28 4.29
C SER D 141 23.36 -34.38 3.29
N SER D 142 22.96 -34.02 2.07
CA SER D 142 22.64 -35.04 1.07
C SER D 142 23.89 -35.71 0.52
N ILE D 143 25.01 -34.99 0.48
CA ILE D 143 26.26 -35.52 -0.03
C ILE D 143 27.28 -35.67 1.09
N SER D 144 26.81 -35.81 2.33
CA SER D 144 27.73 -35.89 3.46
C SER D 144 28.59 -37.14 3.41
N ASP D 145 28.07 -38.23 2.84
CA ASP D 145 28.84 -39.46 2.72
C ASP D 145 29.88 -39.40 1.61
N ILE D 146 29.77 -38.44 0.69
CA ILE D 146 30.77 -38.26 -0.35
C ILE D 146 31.84 -37.28 0.07
N ILE D 147 31.43 -36.15 0.66
CA ILE D 147 32.34 -35.15 1.18
C ILE D 147 31.61 -34.36 2.26
N SER D 148 32.21 -34.29 3.44
CA SER D 148 31.60 -33.64 4.60
C SER D 148 31.95 -32.16 4.55
N LEU D 149 30.97 -31.31 4.27
CA LEU D 149 31.14 -29.87 4.23
C LEU D 149 30.23 -29.22 5.26
N THR D 150 30.70 -28.13 5.85
CA THR D 150 29.99 -27.47 6.93
C THR D 150 29.12 -26.35 6.39
N ASN D 151 27.85 -26.34 6.79
CA ASN D 151 26.96 -25.24 6.47
C ASN D 151 27.25 -24.07 7.40
N PRO D 152 27.48 -22.87 6.86
CA PRO D 152 27.78 -21.72 7.74
C PRO D 152 26.61 -21.42 8.66
N ASP D 153 26.93 -20.83 9.82
CA ASP D 153 25.94 -20.54 10.84
C ASP D 153 25.15 -19.29 10.45
N SER D 154 23.85 -19.47 10.19
CA SER D 154 23.01 -18.34 9.82
C SER D 154 22.74 -17.41 10.99
N SER D 155 22.91 -17.89 12.23
CA SER D 155 22.68 -17.04 13.39
C SER D 155 23.71 -15.93 13.51
N THR D 156 24.83 -16.03 12.79
CA THR D 156 25.79 -14.93 12.77
C THR D 156 25.23 -13.70 12.08
N ILE D 157 24.23 -13.88 11.21
CA ILE D 157 23.59 -12.75 10.53
C ILE D 157 22.36 -12.28 11.29
N THR D 158 21.53 -13.21 11.76
CA THR D 158 20.26 -12.85 12.37
C THR D 158 20.41 -12.24 13.77
N THR D 159 21.53 -12.53 14.46
CA THR D 159 21.71 -11.96 15.80
C THR D 159 21.96 -10.46 15.74
N PRO D 160 22.90 -9.94 14.93
CA PRO D 160 23.02 -8.47 14.83
C PRO D 160 21.89 -7.84 14.04
N LEU D 161 21.25 -8.59 13.14
CA LEU D 161 20.11 -8.06 12.40
C LEU D 161 18.95 -7.75 13.35
N ALA D 162 18.65 -8.67 14.26
CA ALA D 162 17.60 -8.43 15.24
C ALA D 162 18.00 -7.30 16.20
N ALA D 163 19.28 -7.21 16.53
CA ALA D 163 19.75 -6.11 17.36
C ALA D 163 19.65 -4.79 16.61
N ALA D 164 19.93 -4.79 15.31
CA ALA D 164 19.73 -3.59 14.50
C ALA D 164 18.26 -3.24 14.39
N LYS D 165 17.40 -4.26 14.25
CA LYS D 165 15.96 -4.00 14.21
C LYS D 165 15.44 -3.47 15.53
N THR D 166 16.06 -3.90 16.64
CA THR D 166 15.67 -3.37 17.95
C THR D 166 16.00 -1.88 18.07
N ILE D 167 17.10 -1.45 17.45
CA ILE D 167 17.44 -0.03 17.46
C ILE D 167 16.34 0.78 16.80
N LEU D 168 15.86 0.32 15.64
CA LEU D 168 14.78 1.02 14.95
C LEU D 168 13.45 0.86 15.69
N THR D 169 13.24 -0.30 16.34
CA THR D 169 11.99 -0.53 17.05
C THR D 169 11.88 0.36 18.27
N ASP D 170 12.97 0.50 19.04
CA ASP D 170 12.93 1.30 20.25
C ASP D 170 12.96 2.79 19.93
N THR D 171 13.73 3.19 18.91
CA THR D 171 13.81 4.60 18.55
C THR D 171 12.47 5.13 18.07
N LYS D 172 11.80 4.37 17.19
CA LYS D 172 10.49 4.80 16.71
C LYS D 172 9.46 4.79 17.83
N THR D 173 9.64 3.93 18.84
CA THR D 173 8.71 3.88 19.97
C THR D 173 8.92 5.07 20.89
N ASN D 174 10.18 5.30 21.30
CA ASN D 174 10.48 6.43 22.18
C ASN D 174 10.17 7.76 21.50
N GLU D 176 7.64 8.39 19.40
CA GLU D 176 6.21 8.62 19.57
C GLU D 176 5.86 8.91 21.02
N SER D 177 6.62 8.38 21.97
CA SER D 177 6.36 8.65 23.38
C SER D 177 6.65 10.11 23.70
N PHE D 178 7.80 10.61 23.28
CA PHE D 178 8.14 12.01 23.52
C PHE D 178 7.19 12.94 22.79
N ASN D 179 6.60 12.49 21.67
CA ASN D 179 5.66 13.32 20.95
C ASN D 179 4.39 13.58 21.76
N GLY D 180 4.07 12.68 22.69
CA GLY D 180 2.93 12.84 23.58
C GLY D 180 3.25 13.45 24.92
N TRP D 181 4.52 13.73 25.19
CA TRP D 181 4.90 14.33 26.46
C TRP D 181 4.41 15.78 26.52
N THR D 182 3.94 16.18 27.70
CA THR D 182 3.45 17.53 27.93
C THR D 182 4.16 18.14 29.14
N ARG D 183 4.41 19.45 29.07
CA ARG D 183 5.12 20.16 30.12
C ARG D 183 4.13 20.70 31.16
N GLY D 184 4.65 21.44 32.13
CA GLY D 184 3.83 21.97 33.20
C GLY D 184 3.01 23.18 32.76
N THR D 185 2.18 23.64 33.69
CA THR D 185 1.30 24.78 33.46
C THR D 185 1.84 26.07 34.07
N GLU D 186 3.15 26.14 34.32
CA GLU D 186 3.71 27.34 34.95
C GLU D 186 3.53 28.57 34.08
N LEU D 187 3.72 28.43 32.76
CA LEU D 187 3.53 29.57 31.87
C LEU D 187 2.05 29.92 31.74
N ALA D 188 1.18 28.91 31.74
CA ALA D 188 -0.25 29.18 31.63
C ALA D 188 -0.79 29.84 32.91
N ASP D 189 -0.30 29.40 34.07
CA ASP D 189 -0.72 30.01 35.32
C ASP D 189 -0.23 31.45 35.43
N LEU D 190 0.98 31.71 34.93
CA LEU D 190 1.54 33.06 34.98
C LEU D 190 0.74 34.00 34.09
N LEU D 191 0.45 33.59 32.86
CA LEU D 191 -0.29 34.45 31.94
C LEU D 191 -1.74 34.63 32.37
N LEU D 192 -2.33 33.61 33.00
CA LEU D 192 -3.69 33.76 33.52
C LEU D 192 -3.73 34.76 34.65
N SER D 193 -2.70 34.78 35.49
CA SER D 193 -2.60 35.79 36.55
C SER D 193 -2.43 37.18 35.96
N GLN D 194 -1.68 37.30 34.86
CA GLN D 194 -1.53 38.58 34.19
C GLN D 194 -2.87 39.07 33.64
N THR D 195 -3.62 38.18 32.99
CA THR D 195 -4.89 38.56 32.38
C THR D 195 -5.92 38.95 33.44
N GLN D 196 -6.01 38.16 34.51
CA GLN D 196 -6.99 38.46 35.56
C GLN D 196 -6.68 39.79 36.24
N THR D 197 -5.40 40.07 36.48
CA THR D 197 -5.03 41.34 37.10
C THR D 197 -5.34 42.52 36.19
N ILE D 198 -5.05 42.38 34.89
CA ILE D 198 -5.33 43.45 33.94
C ILE D 198 -6.83 43.69 33.83
N GLU D 199 -7.62 42.62 33.79
CA GLU D 199 -9.07 42.79 33.69
C GLU D 199 -9.65 43.45 34.93
N THR D 200 -9.05 43.22 36.10
CA THR D 200 -9.50 43.91 37.31
C THR D 200 -9.17 45.40 37.23
N LEU D 201 -7.98 45.74 36.73
CA LEU D 201 -7.63 47.14 36.52
C LEU D 201 -8.53 47.79 35.49
N ILE D 202 -9.06 47.02 34.54
CA ILE D 202 -10.00 47.56 33.56
C ILE D 202 -11.33 47.89 34.22
N GLY D 203 -11.79 47.02 35.12
CA GLY D 203 -13.05 47.25 35.80
C GLY D 203 -13.03 48.46 36.72
N TYR D 204 -11.86 48.86 37.20
CA TYR D 204 -11.71 50.03 38.05
C TYR D 204 -11.38 51.30 37.26
N ALA D 205 -11.29 51.22 35.93
CA ALA D 205 -10.89 52.37 35.13
C ALA D 205 -11.99 53.39 34.95
N SER D 206 -13.26 53.00 35.16
CA SER D 206 -14.37 53.91 34.97
C SER D 206 -14.61 54.82 36.18
N SER D 207 -14.03 54.52 37.34
CA SER D 207 -14.20 55.34 38.52
C SER D 207 -12.89 56.05 38.84
N GLY D 208 -12.94 56.94 39.84
CA GLY D 208 -11.77 57.71 40.19
C GLY D 208 -10.72 56.87 40.89
N TYR D 209 -9.48 57.39 40.86
CA TYR D 209 -8.36 56.67 41.49
C TYR D 209 -8.48 56.63 43.00
N THR D 210 -9.26 57.53 43.59
CA THR D 210 -9.44 57.57 45.04
C THR D 210 -10.76 56.95 45.48
N ALA D 211 -11.41 56.19 44.61
CA ALA D 211 -12.61 55.46 44.99
C ALA D 211 -12.28 54.42 46.05
N ALA D 212 -13.24 54.18 46.95
CA ALA D 212 -12.99 53.32 48.10
C ALA D 212 -12.54 51.93 47.66
N ASP D 213 -13.30 51.28 46.79
CA ASP D 213 -12.92 49.94 46.32
C ASP D 213 -11.68 50.00 45.44
N ALA D 214 -11.53 51.07 44.65
CA ALA D 214 -10.37 51.18 43.77
C ALA D 214 -9.11 51.49 44.55
N LYS D 215 -9.19 52.41 45.51
CA LYS D 215 -8.02 52.72 46.34
C LYS D 215 -7.59 51.50 47.14
N SER D 216 -8.55 50.74 47.67
CA SER D 216 -8.22 49.56 48.46
C SER D 216 -7.50 48.52 47.61
N PHE D 217 -7.86 48.42 46.33
CA PHE D 217 -7.19 47.47 45.45
C PHE D 217 -5.80 47.96 45.06
N TYR D 218 -5.65 49.27 44.84
CA TYR D 218 -4.36 49.81 44.43
C TYR D 218 -3.31 49.65 45.52
N ASN D 219 -3.71 49.80 46.78
CA ASN D 219 -2.78 49.72 47.90
C ASN D 219 -2.51 48.28 48.35
N ASN D 220 -3.16 47.29 47.74
CA ASN D 220 -2.92 45.90 48.08
C ASN D 220 -1.76 45.36 47.25
N ASN D 221 -0.77 44.78 47.92
CA ASN D 221 0.47 44.35 47.26
C ASN D 221 0.57 42.83 47.14
N GLU D 222 -0.57 42.13 47.10
CA GLU D 222 -0.52 40.68 46.96
C GLU D 222 0.03 40.27 45.60
N PHE D 223 -0.38 40.97 44.53
CA PHE D 223 0.14 40.67 43.21
C PHE D 223 1.62 41.02 43.10
N LEU D 224 2.04 42.12 43.72
CA LEU D 224 3.44 42.51 43.70
C LEU D 224 4.31 41.47 44.41
N GLN D 225 3.89 41.02 45.59
CA GLN D 225 4.65 40.00 46.31
C GLN D 225 4.60 38.66 45.60
N GLY D 226 3.54 38.40 44.84
CA GLY D 226 3.50 37.19 44.04
C GLY D 226 4.48 37.25 42.87
N VAL D 227 4.60 38.41 42.24
CA VAL D 227 5.59 38.58 41.17
C VAL D 227 7.00 38.53 41.74
N ASN D 228 7.20 39.10 42.94
CA ASN D 228 8.50 39.02 43.59
C ASN D 228 8.89 37.58 43.90
N LYS D 229 7.91 36.75 44.25
CA LYS D 229 8.21 35.36 44.57
C LYS D 229 8.56 34.56 43.32
N ILE D 230 7.88 34.85 42.21
CA ILE D 230 8.21 34.18 40.95
C ILE D 230 9.58 34.63 40.45
N ALA D 231 9.87 35.92 40.58
CA ALA D 231 11.16 36.44 40.09
C ALA D 231 12.32 35.92 40.94
N GLU D 232 12.12 35.82 42.25
CA GLU D 232 13.19 35.34 43.12
C GLU D 232 13.50 33.86 42.87
N ALA D 233 12.47 33.07 42.55
CA ALA D 233 12.70 31.66 42.26
C ALA D 233 13.46 31.47 40.96
N ILE D 234 13.31 32.40 40.01
CA ILE D 234 14.06 32.32 38.77
C ILE D 234 15.54 32.64 39.02
N ALA D 235 15.81 33.59 39.93
CA ALA D 235 17.18 33.94 40.26
C ALA D 235 17.86 32.92 41.17
N ASN D 236 17.12 31.96 41.71
CA ASN D 236 17.70 30.87 42.49
C ASN D 236 17.44 29.51 41.85
N SER D 237 17.11 29.48 40.57
CA SER D 237 16.79 28.23 39.89
C SER D 237 18.01 27.30 39.84
N SER E 2 48.96 -80.07 -20.26
CA SER E 2 47.69 -80.21 -20.96
C SER E 2 46.51 -80.12 -19.99
N GLU E 3 46.69 -80.70 -18.80
CA GLU E 3 45.66 -80.70 -17.77
C GLU E 3 45.99 -79.83 -16.58
N THR E 4 47.27 -79.69 -16.23
CA THR E 4 47.70 -78.75 -15.21
C THR E 4 48.13 -77.41 -15.79
N SER E 5 48.47 -77.37 -17.08
CA SER E 5 48.79 -76.11 -17.74
C SER E 5 47.52 -75.37 -18.15
N ALA E 6 46.52 -76.11 -18.64
CA ALA E 6 45.23 -75.50 -18.93
C ALA E 6 44.58 -74.99 -17.65
N SER E 7 44.72 -75.74 -16.55
CA SER E 7 44.21 -75.28 -15.27
C SER E 7 44.96 -74.05 -14.79
N TYR E 8 46.24 -73.94 -15.14
CA TYR E 8 47.02 -72.76 -14.77
C TYR E 8 46.51 -71.52 -15.48
N TYR E 9 46.29 -71.61 -16.79
CA TYR E 9 45.81 -70.45 -17.54
C TYR E 9 44.32 -70.19 -17.28
N GLN E 10 43.53 -71.24 -17.07
CA GLN E 10 42.12 -71.04 -16.73
C GLN E 10 41.99 -70.33 -15.38
N ASP E 11 42.86 -70.66 -14.42
CA ASP E 11 42.84 -69.99 -13.14
C ASP E 11 43.20 -68.51 -13.30
N LEU E 12 44.19 -68.20 -14.14
CA LEU E 12 44.55 -66.80 -14.38
C LEU E 12 43.43 -66.06 -15.10
N ALA E 13 42.72 -66.75 -16.01
CA ALA E 13 41.59 -66.12 -16.69
C ALA E 13 40.43 -65.86 -15.72
N ASN E 14 40.24 -66.76 -14.75
CA ASN E 14 39.18 -66.56 -13.76
C ASN E 14 39.49 -65.39 -12.85
N LYS E 15 40.77 -65.18 -12.53
CA LYS E 15 41.14 -64.06 -11.67
C LYS E 15 40.96 -62.73 -12.39
N GLU E 16 41.34 -62.67 -13.67
CA GLU E 16 41.16 -61.44 -14.44
C GLU E 16 39.69 -61.13 -14.67
N SER E 17 38.85 -62.17 -14.80
CA SER E 17 37.42 -61.95 -14.90
C SER E 17 36.86 -61.33 -13.63
N ALA E 18 37.34 -61.81 -12.47
CA ALA E 18 36.92 -61.22 -11.20
C ALA E 18 37.46 -59.81 -11.05
N ASN E 19 38.67 -59.55 -11.54
CA ASN E 19 39.22 -58.20 -11.47
C ASN E 19 38.45 -57.25 -12.37
N TYR E 20 37.95 -57.74 -13.51
CA TYR E 20 37.16 -56.89 -14.39
C TYR E 20 35.82 -56.53 -13.77
N ASN E 21 35.14 -57.52 -13.18
CA ASN E 21 33.83 -57.26 -12.58
C ASN E 21 33.96 -56.34 -11.37
N ASN E 22 35.04 -56.48 -10.60
CA ASN E 22 35.24 -55.59 -9.46
C ASN E 22 35.54 -54.17 -9.93
N ALA E 23 36.33 -54.02 -10.99
CA ALA E 23 36.64 -52.68 -11.50
C ALA E 23 35.40 -51.99 -12.05
N ILE E 24 34.52 -52.74 -12.71
CA ILE E 24 33.30 -52.15 -13.25
C ILE E 24 32.36 -51.75 -12.13
N SER E 25 32.19 -52.62 -11.13
CA SER E 25 31.29 -52.32 -10.02
C SER E 25 31.77 -51.11 -9.23
N GLN E 26 33.09 -51.00 -9.02
CA GLN E 26 33.62 -49.82 -8.35
C GLN E 26 33.49 -48.58 -9.23
N LYS E 27 33.59 -48.74 -10.56
CA LYS E 27 33.41 -47.61 -11.46
C LYS E 27 31.98 -47.13 -11.43
N ALA E 28 31.01 -48.05 -11.28
CA ALA E 28 29.62 -47.63 -11.19
C ALA E 28 29.34 -46.87 -9.90
N ALA E 29 30.04 -47.20 -8.81
CA ALA E 29 29.85 -46.47 -7.56
C ALA E 29 30.46 -45.07 -7.64
N ILE E 30 31.63 -44.96 -8.27
CA ILE E 30 32.26 -43.65 -8.42
C ILE E 30 31.43 -42.75 -9.34
N ASP E 31 30.91 -43.31 -10.44
CA ASP E 31 30.07 -42.52 -11.33
C ASP E 31 28.77 -42.10 -10.66
N ALA E 32 28.28 -42.91 -9.72
CA ALA E 32 27.09 -42.52 -8.97
C ALA E 32 27.39 -41.37 -8.02
N GLN E 33 28.58 -41.38 -7.42
CA GLN E 33 28.99 -40.26 -6.58
C GLN E 33 29.18 -38.99 -7.40
N ILE E 34 29.66 -39.13 -8.64
CA ILE E 34 29.80 -37.97 -9.52
C ILE E 34 28.43 -37.37 -9.80
N SER E 35 27.44 -38.22 -10.08
CA SER E 35 26.10 -37.74 -10.38
C SER E 35 25.50 -36.97 -9.20
N ARG E 36 25.67 -37.51 -7.99
CA ARG E 36 25.17 -36.82 -6.82
C ARG E 36 25.86 -35.48 -6.60
N LEU E 37 27.15 -35.39 -6.93
CA LEU E 37 27.85 -34.12 -6.80
C LEU E 37 27.46 -33.15 -7.90
N GLU E 38 27.09 -33.66 -9.08
CA GLU E 38 26.56 -32.79 -10.11
C GLU E 38 25.25 -32.14 -9.65
N THR E 39 24.41 -32.91 -8.95
CA THR E 39 23.17 -32.36 -8.41
C THR E 39 23.45 -31.33 -7.32
N ALA E 40 24.41 -31.62 -6.43
CA ALA E 40 24.75 -30.69 -5.37
C ALA E 40 25.37 -29.42 -5.92
N LYS E 41 26.26 -29.55 -6.91
CA LYS E 41 26.89 -28.38 -7.51
C LYS E 41 25.85 -27.50 -8.19
N THR E 42 24.85 -28.10 -8.83
CA THR E 42 23.82 -27.33 -9.51
C THR E 42 22.95 -26.57 -8.52
N ASN E 43 22.49 -27.24 -7.46
CA ASN E 43 21.58 -26.60 -6.52
C ASN E 43 22.31 -25.67 -5.57
N LEU E 44 23.60 -25.91 -5.29
CA LEU E 44 24.35 -24.98 -4.47
C LEU E 44 24.61 -23.68 -5.24
N SER E 45 24.87 -23.78 -6.54
CA SER E 45 25.02 -22.58 -7.35
C SER E 45 23.74 -21.77 -7.40
N THR E 46 22.59 -22.45 -7.42
CA THR E 46 21.31 -21.75 -7.40
C THR E 46 21.12 -21.01 -6.07
N GLN E 47 21.44 -21.66 -4.96
CA GLN E 47 21.31 -21.01 -3.66
C GLN E 47 22.37 -19.93 -3.45
N ILE E 48 23.54 -20.08 -4.09
CA ILE E 48 24.56 -19.04 -4.00
C ILE E 48 24.10 -17.79 -4.74
N ASN E 49 23.50 -17.96 -5.93
CA ASN E 49 22.95 -16.82 -6.64
C ASN E 49 21.80 -16.18 -5.87
N ASN E 50 21.01 -16.98 -5.16
CA ASN E 50 19.95 -16.42 -4.34
C ASN E 50 20.50 -15.74 -3.10
N PHE E 51 21.62 -16.23 -2.55
CA PHE E 51 22.24 -15.58 -1.42
C PHE E 51 22.78 -14.21 -1.79
N GLN E 52 23.22 -14.04 -3.04
CA GLN E 52 23.73 -12.76 -3.49
C GLN E 52 22.60 -11.76 -3.76
N THR E 53 21.52 -12.22 -4.39
CA THR E 53 20.45 -11.30 -4.78
C THR E 53 19.50 -11.02 -3.63
N ASP E 54 19.08 -12.05 -2.91
CA ASP E 54 18.05 -11.92 -1.90
C ASP E 54 18.57 -11.47 -0.53
N ILE E 55 19.88 -11.53 -0.30
CA ILE E 55 20.44 -11.21 1.00
C ILE E 55 21.47 -10.09 0.89
N VAL E 56 22.56 -10.36 0.19
CA VAL E 56 23.68 -9.41 0.14
C VAL E 56 23.27 -8.13 -0.57
N ASP E 57 22.67 -8.26 -1.76
CA ASP E 57 22.28 -7.07 -2.51
C ASP E 57 21.12 -6.32 -1.87
N LYS E 58 20.33 -6.99 -1.02
CA LYS E 58 19.21 -6.33 -0.36
C LYS E 58 19.62 -5.56 0.88
N SER E 60 21.43 -3.05 1.14
CA SER E 60 21.42 -1.61 0.87
C SER E 60 20.10 -0.97 1.24
N ASP E 61 19.04 -1.76 1.40
CA ASP E 61 17.71 -1.24 1.68
C ASP E 61 17.43 -1.07 3.17
N ILE E 62 18.40 -1.40 4.04
CA ILE E 62 18.19 -1.26 5.48
C ILE E 62 19.37 -0.51 6.10
N GLU E 63 20.16 0.15 5.26
CA GLU E 63 21.31 0.89 5.78
C GLU E 63 20.90 2.26 6.30
N GLY E 64 20.17 3.02 5.50
CA GLY E 64 19.79 4.37 5.90
C GLY E 64 20.88 5.40 5.72
N GLU E 65 21.55 5.40 4.56
CA GLU E 65 22.67 6.29 4.32
C GLU E 65 22.25 7.74 4.08
N ASP E 66 20.95 8.02 4.04
CA ASP E 66 20.47 9.38 3.83
C ASP E 66 20.78 10.23 5.06
N SER E 67 21.78 11.10 4.93
CA SER E 67 22.15 11.96 6.06
C SER E 67 21.09 13.01 6.36
N SER E 68 20.23 13.33 5.40
CA SER E 68 19.19 14.33 5.59
C SER E 68 17.93 13.74 6.23
N GLN E 69 17.87 12.44 6.46
CA GLN E 69 16.72 11.82 7.10
C GLN E 69 17.05 10.97 8.32
N PHE E 70 18.29 10.50 8.46
CA PHE E 70 18.68 9.70 9.62
C PHE E 70 20.09 10.12 10.03
N LYS E 71 20.20 10.73 11.22
CA LYS E 71 21.48 11.22 11.71
C LYS E 71 21.47 11.17 13.22
N GLY E 72 22.66 11.28 13.82
CA GLY E 72 22.81 11.32 15.26
C GLY E 72 23.36 10.03 15.82
N ASP E 73 23.24 9.89 17.14
CA ASP E 73 23.74 8.72 17.84
C ASP E 73 22.91 7.48 17.53
N ARG E 74 21.65 7.64 17.12
CA ARG E 74 20.84 6.47 16.77
C ARG E 74 21.33 5.83 15.48
N LYS E 75 21.67 6.64 14.48
CA LYS E 75 22.25 6.09 13.26
C LYS E 75 23.61 5.48 13.51
N THR E 76 24.38 6.04 14.45
CA THR E 76 25.69 5.49 14.78
C THR E 76 25.56 4.09 15.35
N LYS E 77 24.68 3.90 16.35
CA LYS E 77 24.50 2.59 16.94
C LYS E 77 23.69 1.65 16.04
N TYR E 78 23.05 2.18 15.01
CA TYR E 78 22.38 1.32 14.04
C TYR E 78 23.31 0.91 12.90
N ALA E 79 24.16 1.83 12.45
CA ALA E 79 25.12 1.48 11.41
C ALA E 79 26.16 0.50 11.92
N GLU E 80 26.41 0.49 13.23
CA GLU E 80 27.32 -0.49 13.81
C GLU E 80 26.76 -1.89 13.67
N GLN E 81 25.48 -2.08 14.00
CA GLN E 81 24.87 -3.39 13.86
C GLN E 81 24.60 -3.74 12.41
N TYR E 82 24.38 -2.72 11.56
CA TYR E 82 24.24 -2.99 10.13
C TYR E 82 25.54 -3.51 9.54
N THR E 83 26.67 -2.94 9.94
CA THR E 83 27.96 -3.39 9.43
C THR E 83 28.26 -4.82 9.88
N SER E 84 27.88 -5.16 11.11
CA SER E 84 28.06 -6.53 11.58
C SER E 84 27.18 -7.50 10.80
N THR E 85 25.96 -7.08 10.46
CA THR E 85 25.08 -7.92 9.67
C THR E 85 25.59 -8.08 8.24
N LYS E 86 26.08 -6.99 7.65
CA LYS E 86 26.61 -7.08 6.28
C LYS E 86 27.90 -7.87 6.24
N SER E 87 28.74 -7.74 7.28
CA SER E 87 29.99 -8.50 7.32
C SER E 87 29.72 -9.99 7.52
N ALA E 88 28.66 -10.33 8.25
CA ALA E 88 28.34 -11.74 8.46
C ALA E 88 27.71 -12.36 7.21
N ALA E 89 26.93 -11.57 6.46
CA ALA E 89 26.32 -12.09 5.25
C ALA E 89 27.36 -12.35 4.17
N THR E 90 28.32 -11.43 4.01
CA THR E 90 29.36 -11.65 3.02
C THR E 90 30.30 -12.78 3.42
N THR E 91 30.49 -12.99 4.72
CA THR E 91 31.31 -14.11 5.18
C THR E 91 30.64 -15.45 4.90
N ASN E 92 29.33 -15.54 5.15
CA ASN E 92 28.61 -16.79 4.88
C ASN E 92 28.54 -17.08 3.38
N LYS E 93 28.50 -16.05 2.55
CA LYS E 93 28.56 -16.28 1.11
C LYS E 93 29.95 -16.77 0.70
N THR E 94 31.00 -16.20 1.29
CA THR E 94 32.35 -16.70 1.04
C THR E 94 32.49 -18.16 1.46
N SER E 95 31.78 -18.56 2.52
CA SER E 95 31.80 -19.97 2.92
C SER E 95 31.14 -20.84 1.88
N HIS E 96 30.01 -20.38 1.31
CA HIS E 96 29.35 -21.16 0.27
C HIS E 96 30.21 -21.25 -0.99
N ASP E 97 30.96 -20.17 -1.30
CA ASP E 97 31.84 -20.21 -2.45
C ASP E 97 33.01 -21.16 -2.23
N THR E 98 33.50 -21.25 -0.99
CA THR E 98 34.58 -22.18 -0.69
C THR E 98 34.10 -23.62 -0.76
N ASN E 99 32.89 -23.89 -0.27
CA ASN E 99 32.34 -25.24 -0.35
C ASN E 99 32.06 -25.64 -1.79
N LEU E 100 31.64 -24.68 -2.62
CA LEU E 100 31.40 -24.98 -4.04
C LEU E 100 32.71 -25.33 -4.74
N THR E 101 33.80 -24.65 -4.40
CA THR E 101 35.09 -24.97 -4.97
C THR E 101 35.54 -26.37 -4.53
N SER E 102 35.28 -26.73 -3.28
CA SER E 102 35.66 -28.05 -2.80
C SER E 102 34.86 -29.14 -3.49
N ILE E 103 33.60 -28.86 -3.81
CA ILE E 103 32.78 -29.83 -4.54
C ILE E 103 33.32 -30.02 -5.96
N THR E 104 33.68 -28.92 -6.62
CA THR E 104 34.21 -29.01 -7.98
C THR E 104 35.52 -29.80 -8.01
N ASN E 105 36.39 -29.56 -7.04
CA ASN E 105 37.65 -30.31 -6.98
C ASN E 105 37.39 -31.78 -6.71
N LYS E 106 36.37 -32.09 -5.90
CA LYS E 106 36.04 -33.49 -5.64
C LYS E 106 35.49 -34.18 -6.90
N ILE E 107 34.75 -33.43 -7.72
CA ILE E 107 34.24 -34.00 -8.96
C ILE E 107 35.38 -34.32 -9.91
N THR E 108 36.38 -33.43 -10.00
CA THR E 108 37.53 -33.69 -10.85
C THR E 108 38.31 -34.90 -10.37
N GLU E 109 38.46 -35.04 -9.04
CA GLU E 109 39.16 -36.20 -8.49
C GLU E 109 38.42 -37.50 -8.80
N LEU E 110 37.09 -37.49 -8.68
CA LEU E 110 36.32 -38.71 -8.95
C LEU E 110 36.35 -39.06 -10.44
N GLN E 111 36.34 -38.04 -11.32
CA GLN E 111 36.42 -38.31 -12.74
C GLN E 111 37.77 -38.92 -13.11
N THR E 112 38.85 -38.50 -12.44
CA THR E 112 40.14 -39.13 -12.66
C THR E 112 40.14 -40.58 -12.20
N GLN E 113 39.53 -40.84 -11.05
CA GLN E 113 39.44 -42.22 -10.55
C GLN E 113 38.54 -43.06 -11.43
N SER E 114 37.52 -42.45 -12.05
CA SER E 114 36.64 -43.20 -12.95
C SER E 114 37.39 -43.62 -14.20
N THR E 115 38.26 -42.76 -14.72
CA THR E 115 39.06 -43.12 -15.88
C THR E 115 40.08 -44.20 -15.54
N SER E 116 40.65 -44.13 -14.34
CA SER E 116 41.62 -45.15 -13.93
C SER E 116 40.95 -46.51 -13.78
N LEU E 117 39.73 -46.55 -13.26
CA LEU E 117 39.01 -47.81 -13.14
C LEU E 117 38.63 -48.38 -14.50
N GLN E 118 38.33 -47.50 -15.48
CA GLN E 118 38.04 -47.98 -16.83
C GLN E 118 39.29 -48.55 -17.48
N SER E 119 40.44 -47.92 -17.26
CA SER E 119 41.68 -48.43 -17.83
C SER E 119 42.07 -49.76 -17.17
N ALA E 120 41.80 -49.91 -15.87
CA ALA E 120 42.07 -51.17 -15.20
C ALA E 120 41.14 -52.27 -15.70
N ALA E 121 39.90 -51.92 -16.05
CA ALA E 121 38.97 -52.91 -16.57
C ALA E 121 39.38 -53.36 -17.97
N ASP E 122 39.82 -52.43 -18.81
CA ASP E 122 40.25 -52.80 -20.16
C ASP E 122 41.49 -53.70 -20.10
N THR E 123 42.41 -53.42 -19.17
CA THR E 123 43.58 -54.28 -19.03
C THR E 123 43.18 -55.68 -18.56
N ALA E 124 42.28 -55.75 -17.57
CA ALA E 124 41.87 -57.05 -17.06
C ALA E 124 41.10 -57.85 -18.09
N TYR E 125 40.36 -57.18 -18.97
CA TYR E 125 39.59 -57.90 -19.99
C TYR E 125 40.51 -58.43 -21.08
N SER E 126 41.54 -57.67 -21.45
CA SER E 126 42.50 -58.16 -22.44
C SER E 126 43.32 -59.30 -21.88
N ASN E 127 43.69 -59.23 -20.60
CA ASN E 127 44.43 -60.34 -19.98
C ASN E 127 43.56 -61.58 -19.88
N LEU E 129 41.16 -62.46 -21.95
CA LEU E 129 41.09 -63.05 -23.29
C LEU E 129 42.38 -63.77 -23.64
N SER E 130 43.52 -63.24 -23.20
CA SER E 130 44.80 -63.89 -23.46
C SER E 130 44.92 -65.20 -22.70
N TYR E 131 44.54 -65.18 -21.41
CA TYR E 131 44.61 -66.39 -20.61
C TYR E 131 43.58 -67.42 -21.06
N GLN E 132 42.40 -66.96 -21.49
CA GLN E 132 41.38 -67.88 -21.96
C GLN E 132 41.78 -68.57 -23.25
N ALA E 133 42.49 -67.86 -24.13
CA ALA E 133 42.97 -68.47 -25.36
C ALA E 133 44.08 -69.47 -25.09
N SER E 134 44.97 -69.14 -24.14
CA SER E 134 46.03 -70.07 -23.78
C SER E 134 45.48 -71.29 -23.05
N ALA E 135 44.38 -71.13 -22.31
CA ALA E 135 43.80 -72.26 -21.60
C ALA E 135 43.04 -73.18 -22.54
N ASN E 136 42.38 -72.64 -23.56
CA ASN E 136 41.67 -73.47 -24.53
C ASN E 136 42.61 -74.20 -25.48
N ALA E 137 43.79 -73.64 -25.75
CA ALA E 137 44.70 -74.29 -26.69
C ALA E 137 45.41 -75.48 -26.05
N ALA E 138 45.54 -75.48 -24.73
CA ALA E 138 46.21 -76.56 -24.02
C ALA E 138 45.37 -77.85 -24.02
N GLY F 5 2.17 72.92 43.61
CA GLY F 5 1.39 73.10 42.40
C GLY F 5 1.42 71.89 41.50
N THR F 6 0.52 71.87 40.51
CA THR F 6 0.42 70.78 39.55
C THR F 6 0.68 71.32 38.15
N ASP F 7 1.65 70.73 37.46
CA ASP F 7 2.00 71.11 36.09
C ASP F 7 1.40 70.07 35.15
N TYR F 8 0.30 70.45 34.47
CA TYR F 8 -0.34 69.53 33.55
C TYR F 8 0.54 69.21 32.36
N SER F 9 1.35 70.18 31.91
CA SER F 9 2.22 69.95 30.77
C SER F 9 3.26 68.87 31.08
N ALA F 10 3.97 69.03 32.20
CA ALA F 10 4.98 68.05 32.57
C ALA F 10 4.37 66.69 32.85
N TRP F 11 3.14 66.66 33.39
CA TRP F 11 2.49 65.38 33.65
C TRP F 11 2.02 64.71 32.37
N SER F 12 1.54 65.50 31.41
CA SER F 12 1.07 64.93 30.15
C SER F 12 2.21 64.34 29.34
N GLU F 13 3.41 64.90 29.45
CA GLU F 13 4.56 64.37 28.71
C GLU F 13 5.01 63.04 29.30
N LEU F 14 4.92 62.89 30.62
CA LEU F 14 5.34 61.64 31.24
C LEU F 14 4.35 60.51 30.97
N THR F 15 3.05 60.82 31.02
CA THR F 15 2.05 59.82 30.67
C THR F 15 2.14 59.45 29.19
N SER F 16 2.54 60.41 28.34
CA SER F 16 2.77 60.10 26.94
C SER F 16 3.94 59.15 26.76
N SER F 17 5.02 59.36 27.51
CA SER F 17 6.16 58.47 27.42
C SER F 17 5.81 57.07 27.92
N VAL F 18 4.88 56.96 28.87
CA VAL F 18 4.44 55.66 29.34
C VAL F 18 3.67 54.94 28.24
N ASN F 19 2.73 55.63 27.60
CA ASN F 19 1.95 55.01 26.53
C ASN F 19 2.83 54.68 25.33
N THR F 20 3.88 55.46 25.09
CA THR F 20 4.79 55.16 23.99
C THR F 20 5.68 53.96 24.33
N SER F 21 6.21 53.91 25.55
CA SER F 21 7.11 52.82 25.92
C SER F 21 6.36 51.49 26.02
N VAL F 22 5.13 51.51 26.56
CA VAL F 22 4.36 50.29 26.68
C VAL F 22 3.94 49.77 25.31
N SER F 23 3.48 50.67 24.43
CA SER F 23 3.18 50.27 23.07
C SER F 23 4.42 49.92 22.27
N GLY F 24 5.60 50.36 22.72
CA GLY F 24 6.84 50.04 22.06
C GLY F 24 7.31 48.61 22.23
N ILE F 25 6.59 47.81 23.01
CA ILE F 25 6.93 46.40 23.20
C ILE F 25 6.38 45.63 22.00
N VAL F 26 7.28 45.07 21.19
CA VAL F 26 6.90 44.41 19.94
C VAL F 26 6.39 43.00 20.24
N ASP F 27 5.87 42.34 19.22
CA ASP F 27 5.40 40.97 19.36
C ASP F 27 6.59 40.01 19.47
N LEU F 28 6.46 39.01 20.34
CA LEU F 28 7.45 37.96 20.41
C LEU F 28 7.40 37.14 19.12
N ALA F 29 8.52 37.05 18.42
CA ALA F 29 8.57 36.37 17.15
C ALA F 29 8.26 34.88 17.30
N SER F 30 7.32 34.38 16.50
CA SER F 30 7.01 32.96 16.50
C SER F 30 8.18 32.17 15.93
N LEU F 31 8.34 30.94 16.43
CA LEU F 31 9.41 30.08 15.96
C LEU F 31 9.03 29.43 14.64
N THR F 32 10.05 29.14 13.84
CA THR F 32 9.87 28.56 12.51
C THR F 32 10.46 27.16 12.50
N PHE F 33 9.59 26.17 12.28
CA PHE F 33 10.00 24.77 12.18
C PHE F 33 9.56 24.23 10.82
N THR F 34 10.52 24.04 9.92
CA THR F 34 10.21 23.53 8.58
C THR F 34 10.14 22.01 8.58
N THR F 35 11.23 21.35 8.97
CA THR F 35 11.27 19.89 8.99
C THR F 35 10.80 19.31 10.30
N THR F 36 11.01 20.00 11.42
CA THR F 36 10.58 19.50 12.71
C THR F 36 9.05 19.54 12.82
N THR F 37 8.46 18.39 13.14
CA THR F 37 7.01 18.28 13.27
C THR F 37 6.57 17.79 14.64
N THR F 39 5.26 17.46 18.39
CA THR F 39 4.29 18.25 19.12
C THR F 39 4.92 19.13 20.20
N PRO F 40 5.85 18.65 21.04
CA PRO F 40 6.40 19.54 22.08
C PRO F 40 7.10 20.78 21.54
N PHE F 41 7.61 20.73 20.31
CA PHE F 41 8.27 21.89 19.72
C PHE F 41 7.34 22.73 18.86
N THR F 42 6.35 22.11 18.22
CA THR F 42 5.41 22.87 17.40
C THR F 42 4.39 23.62 18.26
N SER F 43 4.07 23.09 19.44
CA SER F 43 3.11 23.72 20.34
C SER F 43 3.66 24.98 21.00
N PHE F 44 4.93 25.32 20.77
CA PHE F 44 5.49 26.51 21.39
C PHE F 44 4.90 27.78 20.80
N ASN F 45 4.47 27.75 19.54
CA ASN F 45 3.85 28.92 18.94
C ASN F 45 2.53 29.27 19.60
N GLU F 46 1.87 28.31 20.24
CA GLU F 46 0.69 28.63 21.02
C GLU F 46 1.05 29.39 22.30
N ASP F 47 2.19 29.07 22.89
CA ASP F 47 2.64 29.80 24.07
C ASP F 47 3.08 31.21 23.71
N ILE F 48 3.77 31.36 22.58
CA ILE F 48 4.18 32.69 22.13
C ILE F 48 2.95 33.54 21.79
N SER F 49 1.94 32.93 21.17
CA SER F 49 0.72 33.66 20.87
C SER F 49 0.00 34.08 22.16
N SER F 50 0.01 33.21 23.17
CA SER F 50 -0.60 33.56 24.44
C SER F 50 0.16 34.69 25.12
N PHE F 51 1.48 34.71 24.98
CA PHE F 51 2.27 35.81 25.52
C PHE F 51 1.92 37.12 24.85
N ASN F 52 1.88 37.12 23.51
CA ASN F 52 1.56 38.35 22.78
C ASN F 52 0.13 38.80 23.02
N THR F 53 -0.77 37.87 23.33
CA THR F 53 -2.15 38.25 23.64
C THR F 53 -2.23 38.99 24.97
N ALA F 54 -1.51 38.50 25.98
CA ALA F 54 -1.50 39.18 27.28
C ALA F 54 -0.80 40.53 27.19
N VAL F 55 0.26 40.63 26.39
CA VAL F 55 0.92 41.92 26.20
C VAL F 55 -0.01 42.90 25.48
N ALA F 56 -0.79 42.40 24.52
CA ALA F 56 -1.74 43.26 23.82
C ALA F 56 -2.81 43.79 24.76
N LYS F 57 -3.23 42.99 25.74
CA LYS F 57 -4.21 43.46 26.71
C LYS F 57 -3.63 44.54 27.62
N LEU F 58 -2.36 44.38 28.03
CA LEU F 58 -1.73 45.40 28.85
C LEU F 58 -1.56 46.70 28.08
N GLN F 59 -1.25 46.60 26.78
CA GLN F 59 -1.12 47.80 25.95
C GLN F 59 -2.46 48.49 25.76
N SER F 60 -3.56 47.73 25.72
CA SER F 60 -4.87 48.34 25.61
C SER F 60 -5.27 49.03 26.92
N PHE F 61 -4.95 48.41 28.05
CA PHE F 61 -5.26 49.04 29.34
C PHE F 61 -4.38 50.27 29.57
N THR F 62 -3.11 50.20 29.17
CA THR F 62 -2.23 51.36 29.36
C THR F 62 -2.69 52.54 28.53
N SER F 63 -3.19 52.29 27.33
CA SER F 63 -3.71 53.39 26.50
C SER F 63 -4.92 54.05 27.15
N THR F 64 -5.74 53.27 27.87
CA THR F 64 -6.88 53.85 28.57
C THR F 64 -6.46 54.52 29.86
N ASP F 65 -5.48 53.94 30.57
CA ASP F 65 -5.05 54.50 31.85
C ASP F 65 -4.30 55.81 31.67
N VAL F 66 -3.60 55.98 30.55
CA VAL F 66 -2.91 57.24 30.29
C VAL F 66 -3.92 58.38 30.16
N THR F 67 -5.01 58.15 29.43
CA THR F 67 -6.09 59.13 29.38
C THR F 67 -6.70 59.35 30.75
N HIS F 68 -6.80 58.27 31.54
CA HIS F 68 -7.39 58.39 32.88
C HIS F 68 -6.51 59.23 33.79
N ASN F 70 -4.35 61.53 32.79
CA ASN F 70 -4.37 62.91 32.31
C ASN F 70 -5.63 63.64 32.76
N GLN F 71 -6.77 62.94 32.77
CA GLN F 71 -8.00 63.55 33.27
C GLN F 71 -7.94 63.81 34.76
N ALA F 72 -7.24 62.94 35.51
CA ALA F 72 -7.10 63.18 36.95
C ALA F 72 -6.26 64.42 37.23
N ALA F 73 -5.21 64.65 36.43
CA ALA F 73 -4.44 65.87 36.57
C ALA F 73 -5.24 67.08 36.11
N GLU F 74 -6.06 66.92 35.07
CA GLU F 74 -6.90 68.02 34.61
C GLU F 74 -7.91 68.42 35.68
N ASN F 75 -8.45 67.43 36.40
CA ASN F 75 -9.41 67.73 37.46
C ASN F 75 -8.73 68.40 38.64
N LYS F 76 -7.49 67.99 38.96
CA LYS F 76 -6.77 68.62 40.06
C LYS F 76 -6.41 70.06 39.72
N VAL F 77 -6.12 70.35 38.45
CA VAL F 77 -5.90 71.73 38.03
C VAL F 77 -7.19 72.53 38.15
N THR F 78 -8.32 71.91 37.79
CA THR F 78 -9.60 72.58 37.93
C THR F 78 -9.94 72.86 39.39
N ASP F 79 -9.68 71.88 40.27
CA ASP F 79 -9.92 72.08 41.69
C ASP F 79 -8.96 73.10 42.29
N ASP F 80 -7.73 73.17 41.76
CA ASP F 80 -6.80 74.21 42.21
C ASP F 80 -7.25 75.59 41.74
N SER F 81 -7.67 75.70 40.49
CA SER F 81 -8.19 76.97 39.99
C SER F 81 -9.42 77.40 40.77
N ASN F 82 -10.31 76.45 41.08
CA ASN F 82 -11.49 76.72 41.87
C ASN F 82 -11.12 76.96 43.34
#